data_1DN0
#
_entry.id   1DN0
#
_cell.length_a   110.880
_cell.length_b   110.880
_cell.length_c   170.760
_cell.angle_alpha   90.00
_cell.angle_beta   90.00
_cell.angle_gamma   120.00
#
_symmetry.space_group_name_H-M   'P 31 2 1'
#
loop_
_entity.id
_entity.type
_entity.pdbx_description
1 polymer 'IGM-KAPPA COLD AGGLUTININ (LIGHT CHAIN)'
2 polymer 'IGM-KAPPA COLD AGGLUTININ (HEAVY CHAIN)'
3 water water
#
loop_
_entity_poly.entity_id
_entity_poly.type
_entity_poly.pdbx_seq_one_letter_code
_entity_poly.pdbx_strand_id
1 'polypeptide(L)'
;EIVLTQSPATLSLSPGERATLSCGASQSVSSNYLAWYQQKPGQAPRLLIYDASSRATGIPDRFSGSGSGTDFTLTISRLE
PEDFAVYYCQQYGSSPLTFGGGTKVEIKRTVAAPSVFIFPPSDEQLKSGTASVVCLLNNFYPREAKVQWKVDNALQSGNS
QESVTEQDSKDSTYSLSSTLTLSKADYEKHKVYACEVTHQGLSSPVTKSFNRGEC
;
A,C
2 'polypeptide(L)'
;EVQLQQWGAGLLKPSETLSLTCAVYGGSFSDYYWSWIRQPPGKGLEWIGEINHSGSTNYNPSLKSRVTISVDTSKNQFSL
KLSSVTAADTAVYYCARPPHDTSGHYWNYWGQGTLVTVSSGSASAPTLFPLVSCENSPSDTSSVAVGCLAQDFLPDSITF
SWKYKNNSDISSTRGFPSVLRGGKYAATSQVLLPSKDVMAGTDEHVVCKVQHPNGNKEKNVPLPVIAELPPK
;
B,D
#
# COMPACT_ATOMS: atom_id res chain seq x y z
N GLU A 1 -40.61 18.44 -36.26
CA GLU A 1 -39.93 19.39 -35.38
C GLU A 1 -38.88 20.14 -36.20
N ILE A 2 -38.78 21.46 -36.00
CA ILE A 2 -37.81 22.33 -36.69
C ILE A 2 -36.42 22.19 -36.06
N VAL A 3 -35.40 21.80 -36.84
CA VAL A 3 -34.03 21.65 -36.31
C VAL A 3 -33.27 22.99 -36.47
N LEU A 4 -32.73 23.47 -35.36
CA LEU A 4 -32.03 24.72 -35.43
C LEU A 4 -30.60 24.34 -35.52
N THR A 5 -29.84 24.90 -36.42
CA THR A 5 -28.43 24.51 -36.46
C THR A 5 -27.55 25.69 -36.20
N GLN A 6 -26.70 25.59 -35.21
CA GLN A 6 -25.84 26.73 -34.94
C GLN A 6 -24.39 26.46 -35.29
N SER A 7 -23.76 27.50 -35.83
CA SER A 7 -22.35 27.47 -36.19
C SER A 7 -21.79 28.88 -35.94
N PRO A 8 -20.51 28.98 -35.63
CA PRO A 8 -19.75 27.71 -35.54
C PRO A 8 -20.00 27.07 -34.11
N ALA A 9 -19.52 25.88 -33.88
CA ALA A 9 -19.63 25.26 -32.57
C ALA A 9 -18.85 26.12 -31.58
N THR A 10 -17.64 26.55 -31.94
CA THR A 10 -16.90 27.42 -31.03
C THR A 10 -16.47 28.62 -31.81
N LEU A 11 -16.39 29.77 -31.14
CA LEU A 11 -15.92 31.03 -31.77
C LEU A 11 -14.86 31.50 -30.81
N SER A 12 -13.63 31.57 -31.27
CA SER A 12 -12.54 31.98 -30.43
C SER A 12 -12.11 33.35 -30.81
N LEU A 13 -12.48 34.34 -29.98
CA LEU A 13 -12.16 35.75 -30.19
C LEU A 13 -11.51 36.44 -29.00
N SER A 14 -11.22 37.71 -29.16
CA SER A 14 -10.62 38.49 -28.09
C SER A 14 -11.59 39.58 -27.66
N PRO A 15 -11.44 40.08 -26.43
CA PRO A 15 -12.38 41.17 -26.06
C PRO A 15 -12.15 42.33 -27.11
N GLY A 16 -13.20 43.03 -27.50
CA GLY A 16 -13.04 44.13 -28.47
C GLY A 16 -13.50 43.76 -29.87
N GLU A 17 -13.41 42.47 -30.19
CA GLU A 17 -13.79 42.00 -31.49
C GLU A 17 -15.28 41.81 -31.64
N ARG A 18 -15.72 41.66 -32.88
CA ARG A 18 -17.12 41.45 -33.16
C ARG A 18 -17.41 39.96 -33.29
N ALA A 19 -18.53 39.53 -32.75
CA ALA A 19 -18.86 38.12 -32.82
C ALA A 19 -20.12 37.95 -33.60
N THR A 20 -20.09 37.03 -34.54
CA THR A 20 -21.32 36.83 -35.24
C THR A 20 -21.64 35.32 -35.25
N LEU A 21 -22.77 34.98 -34.67
CA LEU A 21 -23.20 33.60 -34.57
C LEU A 21 -24.45 33.34 -35.40
N SER A 22 -24.43 32.20 -36.09
CA SER A 22 -25.52 31.81 -36.97
C SER A 22 -26.40 30.75 -36.39
N CYS A 23 -27.64 30.77 -36.80
CA CYS A 23 -28.62 29.81 -36.32
C CYS A 23 -29.50 29.63 -37.56
N GLY A 24 -29.33 28.49 -38.21
CA GLY A 24 -30.07 28.19 -39.41
C GLY A 24 -31.19 27.29 -38.98
N ALA A 25 -32.32 27.41 -39.65
CA ALA A 25 -33.42 26.55 -39.34
C ALA A 25 -33.69 25.69 -40.61
N SER A 26 -34.26 24.51 -40.36
CA SER A 26 -34.52 23.54 -41.38
C SER A 26 -35.84 23.72 -42.13
N GLN A 27 -36.59 24.77 -41.75
CA GLN A 27 -37.91 25.12 -42.33
C GLN A 27 -37.95 26.51 -41.87
N SER A 28 -38.81 27.33 -42.42
CA SER A 28 -38.72 28.68 -41.98
C SER A 28 -39.50 28.89 -40.76
N VAL A 29 -39.01 29.83 -39.97
CA VAL A 29 -39.58 30.23 -38.71
C VAL A 29 -40.46 31.43 -38.95
N SER A 30 -41.75 31.20 -38.73
CA SER A 30 -42.76 32.20 -38.93
C SER A 30 -42.74 33.51 -38.12
N SER A 31 -42.99 34.63 -38.80
CA SER A 31 -43.08 35.93 -38.15
C SER A 31 -41.77 36.25 -37.42
N ASN A 32 -40.68 35.63 -37.84
CA ASN A 32 -39.43 35.88 -37.12
C ASN A 32 -39.57 35.69 -35.56
N TYR A 33 -40.28 34.61 -35.20
CA TYR A 33 -40.47 34.14 -33.82
C TYR A 33 -39.22 33.34 -33.34
N LEU A 34 -38.14 34.08 -33.12
CA LEU A 34 -36.89 33.51 -32.71
C LEU A 34 -36.23 34.28 -31.58
N ALA A 35 -35.80 33.55 -30.54
CA ALA A 35 -35.10 34.16 -29.38
C ALA A 35 -33.59 33.72 -29.20
N TRP A 36 -32.79 34.54 -28.53
CA TRP A 36 -31.41 34.15 -28.25
C TRP A 36 -31.23 34.19 -26.73
N TYR A 37 -30.45 33.29 -26.17
CA TYR A 37 -30.15 33.27 -24.74
C TYR A 37 -28.70 33.07 -24.59
N GLN A 38 -28.23 33.43 -23.40
CA GLN A 38 -26.88 33.24 -23.03
C GLN A 38 -26.99 32.23 -21.92
N GLN A 39 -25.96 31.41 -21.71
CA GLN A 39 -25.96 30.45 -20.55
C GLN A 39 -24.54 30.34 -20.02
N LYS A 40 -24.35 30.51 -18.72
CA LYS A 40 -23.01 30.40 -18.10
C LYS A 40 -23.04 29.12 -17.29
N PRO A 41 -21.88 28.49 -17.00
CA PRO A 41 -21.80 27.24 -16.25
C PRO A 41 -22.76 27.12 -15.09
N GLY A 42 -23.60 26.08 -15.10
CA GLY A 42 -24.59 25.91 -14.04
C GLY A 42 -25.78 26.85 -13.91
N GLN A 43 -25.88 27.84 -14.78
CA GLN A 43 -27.00 28.78 -14.67
C GLN A 43 -28.10 28.42 -15.59
N ALA A 44 -29.29 28.97 -15.34
CA ALA A 44 -30.39 28.79 -16.27
C ALA A 44 -30.12 29.72 -17.51
N PRO A 45 -30.67 29.37 -18.69
CA PRO A 45 -30.49 30.22 -19.87
C PRO A 45 -30.97 31.63 -19.49
N ARG A 46 -30.39 32.67 -20.06
CA ARG A 46 -30.79 34.07 -19.75
C ARG A 46 -31.21 34.73 -21.07
N LEU A 47 -32.41 35.28 -21.14
CA LEU A 47 -32.92 35.90 -22.40
C LEU A 47 -32.18 37.19 -22.78
N LEU A 48 -31.77 37.25 -24.06
CA LEU A 48 -31.06 38.38 -24.62
C LEU A 48 -31.90 39.05 -25.73
N ILE A 49 -32.42 38.26 -26.65
CA ILE A 49 -33.16 38.79 -27.79
C ILE A 49 -34.48 38.07 -28.01
N TYR A 50 -35.52 38.79 -28.31
CA TYR A 50 -36.74 38.06 -28.61
C TYR A 50 -37.28 38.61 -29.94
N ASP A 51 -38.17 37.87 -30.59
CA ASP A 51 -38.70 38.31 -31.89
C ASP A 51 -37.57 38.69 -32.83
N ALA A 52 -36.54 37.83 -32.94
CA ALA A 52 -35.32 37.99 -33.81
C ALA A 52 -34.38 39.13 -33.64
N SER A 53 -34.95 40.28 -33.32
CA SER A 53 -34.11 41.46 -33.22
C SER A 53 -34.35 42.45 -32.07
N SER A 54 -35.25 42.12 -31.14
CA SER A 54 -35.51 43.01 -30.02
C SER A 54 -34.73 42.61 -28.77
N ARG A 55 -34.03 43.56 -28.19
CA ARG A 55 -33.30 43.27 -26.95
C ARG A 55 -34.24 43.23 -25.68
N ALA A 56 -34.06 42.18 -24.87
CA ALA A 56 -34.74 41.96 -23.57
C ALA A 56 -34.26 43.11 -22.69
N THR A 57 -35.05 43.44 -21.67
CA THR A 57 -34.77 44.60 -20.83
C THR A 57 -33.46 44.51 -20.14
N GLY A 58 -32.73 45.60 -20.12
CA GLY A 58 -31.41 45.59 -19.53
C GLY A 58 -30.27 45.04 -20.44
N ILE A 59 -30.58 44.42 -21.57
CA ILE A 59 -29.50 43.92 -22.44
C ILE A 59 -28.82 45.07 -23.19
N PRO A 60 -27.53 45.25 -23.01
CA PRO A 60 -26.78 46.33 -23.67
C PRO A 60 -26.69 46.17 -25.21
N ASP A 61 -26.75 47.30 -25.93
CA ASP A 61 -26.77 47.23 -27.40
C ASP A 61 -25.57 46.71 -28.10
N ARG A 62 -24.58 46.23 -27.37
CA ARG A 62 -23.49 45.59 -28.06
C ARG A 62 -24.18 44.36 -28.69
N PHE A 63 -25.32 43.94 -28.14
CA PHE A 63 -26.05 42.77 -28.62
C PHE A 63 -27.13 43.14 -29.62
N SER A 64 -27.14 42.49 -30.78
CA SER A 64 -28.20 42.74 -31.77
C SER A 64 -28.50 41.46 -32.54
N GLY A 65 -29.77 41.31 -32.89
CA GLY A 65 -30.22 40.15 -33.63
C GLY A 65 -30.78 40.55 -34.98
N SER A 66 -30.80 39.59 -35.88
CA SER A 66 -31.33 39.86 -37.22
C SER A 66 -31.57 38.56 -37.94
N GLY A 67 -32.07 38.66 -39.15
CA GLY A 67 -32.35 37.42 -39.86
C GLY A 67 -33.82 37.24 -40.13
N SER A 68 -34.18 36.11 -40.72
CA SER A 68 -35.55 35.87 -41.10
C SER A 68 -35.59 34.49 -41.75
N GLY A 69 -36.77 33.97 -42.03
CA GLY A 69 -36.99 32.67 -42.64
C GLY A 69 -36.25 31.50 -42.03
N THR A 70 -35.22 31.05 -42.72
CA THR A 70 -34.46 29.93 -42.22
C THR A 70 -33.09 30.39 -41.74
N ASP A 71 -32.85 31.67 -41.78
CA ASP A 71 -31.53 32.11 -41.41
C ASP A 71 -31.49 33.31 -40.45
N PHE A 72 -30.89 33.11 -39.27
CA PHE A 72 -30.82 34.13 -38.22
C PHE A 72 -29.42 34.37 -37.69
N THR A 73 -29.20 35.58 -37.17
CA THR A 73 -27.88 35.90 -36.67
C THR A 73 -27.93 36.68 -35.39
N LEU A 74 -26.94 36.42 -34.54
CA LEU A 74 -26.74 37.14 -33.34
C LEU A 74 -25.37 37.78 -33.50
N THR A 75 -25.30 39.08 -33.23
CA THR A 75 -24.06 39.82 -33.35
C THR A 75 -23.68 40.45 -32.03
N ILE A 76 -22.42 40.29 -31.59
CA ILE A 76 -22.00 40.98 -30.37
C ILE A 76 -20.88 41.85 -30.93
N SER A 77 -21.17 43.14 -31.06
CA SER A 77 -20.24 44.04 -31.73
C SER A 77 -18.86 44.35 -31.15
N ARG A 78 -18.66 44.08 -29.87
CA ARG A 78 -17.34 44.30 -29.30
C ARG A 78 -17.39 43.62 -27.95
N LEU A 79 -17.06 42.34 -27.96
CA LEU A 79 -17.06 41.53 -26.79
C LEU A 79 -16.41 42.19 -25.56
N GLU A 80 -17.05 41.98 -24.40
CA GLU A 80 -16.49 42.42 -23.12
C GLU A 80 -16.21 41.05 -22.54
N PRO A 81 -15.40 40.99 -21.47
CA PRO A 81 -15.04 39.73 -20.78
C PRO A 81 -16.23 38.85 -20.38
N GLU A 82 -17.30 39.46 -19.85
CA GLU A 82 -18.49 38.70 -19.45
C GLU A 82 -19.32 38.22 -20.65
N ASP A 83 -18.90 38.52 -21.87
CA ASP A 83 -19.68 38.06 -22.98
C ASP A 83 -19.28 36.69 -23.37
N PHE A 84 -18.21 36.15 -22.82
CA PHE A 84 -17.77 34.76 -23.23
C PHE A 84 -18.56 33.71 -22.47
N ALA A 85 -19.37 33.00 -23.24
CA ALA A 85 -20.32 32.07 -22.72
C ALA A 85 -20.83 31.32 -23.87
N VAL A 86 -21.86 30.56 -23.57
CA VAL A 86 -22.54 29.78 -24.54
C VAL A 86 -23.83 30.51 -24.84
N TYR A 87 -24.28 30.37 -26.10
CA TYR A 87 -25.49 30.99 -26.61
C TYR A 87 -26.37 30.01 -27.38
N TYR A 88 -27.66 30.13 -27.16
CA TYR A 88 -28.58 29.27 -27.83
C TYR A 88 -29.61 30.13 -28.56
N CYS A 89 -30.16 29.62 -29.66
CA CYS A 89 -31.26 30.30 -30.36
C CYS A 89 -32.53 29.40 -30.09
N GLN A 90 -33.71 29.94 -30.17
CA GLN A 90 -34.87 29.16 -29.89
C GLN A 90 -36.04 29.71 -30.73
N GLN A 91 -36.73 28.77 -31.39
CA GLN A 91 -37.80 29.18 -32.25
C GLN A 91 -39.07 28.90 -31.57
N TYR A 92 -40.02 29.82 -31.67
CA TYR A 92 -41.32 29.59 -31.07
C TYR A 92 -42.41 29.84 -32.10
N GLY A 93 -42.00 29.81 -33.38
CA GLY A 93 -42.93 29.92 -34.49
C GLY A 93 -43.85 28.70 -34.74
N SER A 94 -43.39 27.48 -34.45
CA SER A 94 -44.22 26.23 -34.53
C SER A 94 -43.95 25.20 -33.44
N SER A 95 -44.87 24.29 -33.28
CA SER A 95 -44.73 23.31 -32.27
C SER A 95 -44.16 22.06 -32.91
N PRO A 96 -43.19 21.42 -32.21
CA PRO A 96 -42.71 21.91 -30.92
C PRO A 96 -41.63 23.00 -30.84
N LEU A 97 -41.68 23.77 -29.76
CA LEU A 97 -40.67 24.76 -29.50
C LEU A 97 -39.34 24.01 -29.49
N THR A 98 -38.36 24.50 -30.22
CA THR A 98 -37.07 23.87 -30.28
C THR A 98 -35.92 24.88 -30.10
N PHE A 99 -34.76 24.39 -29.69
CA PHE A 99 -33.51 25.15 -29.43
C PHE A 99 -32.41 24.66 -30.37
N GLY A 100 -31.41 25.48 -30.60
CA GLY A 100 -30.32 25.06 -31.45
C GLY A 100 -29.37 24.42 -30.48
N GLY A 101 -28.24 23.91 -30.98
CA GLY A 101 -27.29 23.28 -30.08
C GLY A 101 -26.28 24.18 -29.42
N GLY A 102 -26.36 25.46 -29.71
CA GLY A 102 -25.45 26.38 -29.07
C GLY A 102 -24.09 26.56 -29.69
N THR A 103 -23.51 27.73 -29.40
CA THR A 103 -22.17 28.04 -29.80
C THR A 103 -21.42 28.68 -28.61
N LYS A 104 -20.22 28.18 -28.34
CA LYS A 104 -19.44 28.70 -27.24
C LYS A 104 -18.59 29.86 -27.74
N VAL A 105 -18.58 31.00 -27.06
CA VAL A 105 -17.72 32.11 -27.44
C VAL A 105 -16.66 32.03 -26.41
N GLU A 106 -15.45 31.72 -26.85
CA GLU A 106 -14.30 31.42 -26.01
C GLU A 106 -13.16 32.44 -26.13
N ILE A 107 -12.40 32.69 -25.07
CA ILE A 107 -11.33 33.69 -25.14
C ILE A 107 -10.15 33.16 -25.92
N LYS A 108 -9.68 33.90 -26.94
CA LYS A 108 -8.50 33.50 -27.73
C LYS A 108 -7.24 34.16 -27.14
N ARG A 109 -6.24 33.38 -26.77
CA ARG A 109 -5.00 33.94 -26.24
C ARG A 109 -3.87 33.26 -26.97
N THR A 110 -2.63 33.52 -26.58
CA THR A 110 -1.49 32.91 -27.24
C THR A 110 -1.43 31.44 -26.92
N VAL A 111 -0.80 30.67 -27.82
CA VAL A 111 -0.68 29.24 -27.59
C VAL A 111 0.05 28.95 -26.30
N ALA A 112 -0.42 27.94 -25.58
CA ALA A 112 0.24 27.53 -24.36
C ALA A 112 0.14 26.00 -24.36
N ALA A 113 1.31 25.36 -24.36
CA ALA A 113 1.40 23.90 -24.42
C ALA A 113 1.25 23.46 -22.98
N PRO A 114 0.69 22.25 -22.79
CA PRO A 114 0.50 21.78 -21.41
C PRO A 114 1.72 21.15 -20.71
N SER A 115 1.66 21.23 -19.37
CA SER A 115 2.63 20.63 -18.45
C SER A 115 1.96 19.29 -18.32
N VAL A 116 2.72 18.21 -18.27
CA VAL A 116 2.04 16.92 -18.21
C VAL A 116 2.46 16.04 -17.09
N PHE A 117 1.47 15.38 -16.46
CA PHE A 117 1.73 14.43 -15.38
C PHE A 117 0.94 13.16 -15.50
N ILE A 118 1.60 12.05 -15.16
CA ILE A 118 0.95 10.75 -15.18
C ILE A 118 1.00 10.21 -13.73
N PHE A 119 0.01 9.42 -13.36
CA PHE A 119 -0.11 8.88 -11.99
C PHE A 119 -0.59 7.45 -12.05
N PRO A 120 0.14 6.54 -11.39
CA PRO A 120 -0.24 5.13 -11.39
C PRO A 120 -1.39 4.94 -10.44
N PRO A 121 -2.17 3.86 -10.65
CA PRO A 121 -3.29 3.68 -9.73
C PRO A 121 -2.66 3.42 -8.39
N SER A 122 -3.29 3.87 -7.32
CA SER A 122 -2.75 3.58 -5.98
C SER A 122 -2.74 2.03 -5.66
N ASP A 123 -1.81 1.59 -4.79
CA ASP A 123 -1.76 0.17 -4.35
C ASP A 123 -3.12 -0.16 -3.70
N GLU A 124 -3.66 0.77 -2.90
CA GLU A 124 -4.95 0.52 -2.26
C GLU A 124 -6.14 0.26 -3.24
N GLN A 125 -6.22 1.07 -4.29
CA GLN A 125 -7.30 0.82 -5.24
C GLN A 125 -7.02 -0.49 -5.99
N LEU A 126 -5.76 -0.79 -6.16
CA LEU A 126 -5.45 -2.01 -6.86
C LEU A 126 -6.03 -3.21 -6.14
N LYS A 127 -6.02 -3.14 -4.81
CA LYS A 127 -6.56 -4.23 -4.03
C LYS A 127 -8.07 -4.35 -4.21
N SER A 128 -8.75 -3.21 -4.36
CA SER A 128 -10.19 -3.23 -4.54
C SER A 128 -10.57 -3.84 -5.89
N GLY A 129 -9.58 -4.10 -6.76
CA GLY A 129 -9.92 -4.71 -8.06
C GLY A 129 -9.89 -3.95 -9.41
N THR A 130 -9.52 -2.67 -9.38
CA THR A 130 -9.43 -1.87 -10.58
C THR A 130 -8.24 -0.94 -10.48
N ALA A 131 -7.72 -0.55 -11.65
CA ALA A 131 -6.55 0.34 -11.71
C ALA A 131 -6.99 1.51 -12.50
N SER A 132 -6.80 2.68 -11.92
CA SER A 132 -7.15 3.89 -12.58
C SER A 132 -5.85 4.59 -12.83
N VAL A 133 -5.46 4.64 -14.11
CA VAL A 133 -4.22 5.35 -14.50
C VAL A 133 -4.66 6.73 -14.96
N VAL A 134 -4.05 7.77 -14.38
CA VAL A 134 -4.44 9.16 -14.67
C VAL A 134 -3.34 10.01 -15.30
N CYS A 135 -3.73 10.82 -16.25
CA CYS A 135 -2.82 11.74 -16.87
C CYS A 135 -3.45 13.17 -16.82
N LEU A 136 -2.69 14.16 -16.32
CA LEU A 136 -3.17 15.54 -16.31
C LEU A 136 -2.36 16.38 -17.30
N LEU A 137 -3.02 17.36 -17.88
CA LEU A 137 -2.39 18.29 -18.81
C LEU A 137 -2.84 19.58 -18.19
N ASN A 138 -1.92 20.44 -17.80
CA ASN A 138 -2.33 21.67 -17.17
C ASN A 138 -2.04 22.91 -17.92
N ASN A 139 -2.92 23.88 -17.79
CA ASN A 139 -2.70 25.16 -18.39
C ASN A 139 -2.27 25.27 -19.86
N PHE A 140 -3.05 24.70 -20.73
CA PHE A 140 -2.73 24.77 -22.12
C PHE A 140 -3.79 25.57 -22.92
N TYR A 141 -3.40 26.01 -24.11
CA TYR A 141 -4.30 26.73 -24.97
C TYR A 141 -3.78 26.62 -26.37
N PRO A 142 -4.67 26.41 -27.33
CA PRO A 142 -6.12 26.25 -27.28
C PRO A 142 -6.61 24.95 -26.71
N ARG A 143 -7.92 24.83 -26.57
CA ARG A 143 -8.52 23.65 -26.00
C ARG A 143 -8.28 22.31 -26.69
N GLU A 144 -8.09 22.24 -28.00
CA GLU A 144 -7.88 20.90 -28.59
C GLU A 144 -6.57 20.27 -28.18
N ALA A 145 -6.64 19.02 -27.76
CA ALA A 145 -5.46 18.32 -27.31
C ALA A 145 -5.80 16.82 -27.42
N LYS A 146 -4.91 15.98 -27.99
CA LYS A 146 -5.17 14.55 -28.12
C LYS A 146 -4.40 13.84 -27.01
N VAL A 147 -5.08 13.03 -26.20
CA VAL A 147 -4.43 12.27 -25.11
C VAL A 147 -4.49 10.85 -25.48
N GLN A 148 -3.36 10.18 -25.57
CA GLN A 148 -3.43 8.80 -26.02
C GLN A 148 -2.79 7.87 -25.02
N TRP A 149 -3.43 6.75 -24.72
CA TRP A 149 -2.92 5.76 -23.76
C TRP A 149 -2.26 4.59 -24.41
N LYS A 150 -1.01 4.31 -24.02
CA LYS A 150 -0.26 3.17 -24.55
C LYS A 150 0.13 2.26 -23.41
N VAL A 151 -0.19 0.97 -23.57
CA VAL A 151 0.12 -0.10 -22.62
C VAL A 151 0.90 -1.14 -23.40
N ASP A 152 2.21 -1.19 -23.10
CA ASP A 152 3.17 -2.12 -23.74
C ASP A 152 3.05 -1.81 -25.23
N ASN A 153 3.07 -0.49 -25.46
CA ASN A 153 2.95 0.10 -26.77
C ASN A 153 1.75 -0.35 -27.55
N ALA A 154 0.75 -0.86 -26.86
CA ALA A 154 -0.44 -1.22 -27.55
C ALA A 154 -1.33 0.02 -27.41
N LEU A 155 -1.60 0.73 -28.52
CA LEU A 155 -2.48 1.89 -28.46
C LEU A 155 -3.81 1.37 -27.87
N GLN A 156 -4.20 2.00 -26.76
CA GLN A 156 -5.40 1.68 -25.97
C GLN A 156 -6.61 2.48 -26.40
N SER A 157 -7.71 1.80 -26.68
CA SER A 157 -8.92 2.48 -27.10
C SER A 157 -10.23 1.99 -26.54
N GLY A 158 -11.01 2.95 -26.03
CA GLY A 158 -12.33 2.68 -25.46
C GLY A 158 -12.35 2.38 -23.96
N ASN A 159 -11.23 2.59 -23.27
CA ASN A 159 -11.21 2.34 -21.86
C ASN A 159 -10.69 3.60 -21.14
N SER A 160 -10.96 4.77 -21.73
CA SER A 160 -10.58 6.02 -21.05
C SER A 160 -11.64 7.04 -21.18
N GLN A 161 -11.59 7.99 -20.28
CA GLN A 161 -12.57 9.06 -20.33
C GLN A 161 -11.78 10.26 -19.92
N GLU A 162 -12.23 11.41 -20.39
CA GLU A 162 -11.55 12.64 -20.11
C GLU A 162 -12.58 13.57 -19.57
N SER A 163 -12.05 14.61 -18.96
CA SER A 163 -12.89 15.62 -18.40
C SER A 163 -11.99 16.87 -18.52
N VAL A 164 -12.55 17.96 -19.03
CA VAL A 164 -11.86 19.24 -19.28
C VAL A 164 -12.43 20.39 -18.44
N THR A 165 -11.59 21.28 -17.95
CA THR A 165 -12.05 22.39 -17.14
C THR A 165 -12.53 23.53 -18.02
N GLU A 166 -13.16 24.52 -17.38
CA GLU A 166 -13.64 25.71 -18.03
C GLU A 166 -12.41 26.53 -18.28
N GLN A 167 -12.54 27.51 -19.15
CA GLN A 167 -11.43 28.39 -19.43
C GLN A 167 -11.12 29.15 -18.17
N ASP A 168 -9.86 29.18 -17.76
CA ASP A 168 -9.52 29.91 -16.55
C ASP A 168 -9.87 31.41 -16.68
N SER A 169 -10.53 31.95 -15.65
CA SER A 169 -11.03 33.35 -15.60
C SER A 169 -9.96 34.43 -15.67
N LYS A 170 -8.77 34.05 -15.23
CA LYS A 170 -7.67 34.98 -15.24
C LYS A 170 -6.73 34.73 -16.41
N ASP A 171 -6.26 33.51 -16.60
CA ASP A 171 -5.31 33.30 -17.68
C ASP A 171 -5.78 32.67 -18.97
N SER A 172 -7.08 32.40 -19.09
CA SER A 172 -7.69 31.82 -20.28
C SER A 172 -7.21 30.43 -20.69
N THR A 173 -6.57 29.67 -19.79
CA THR A 173 -6.14 28.34 -20.19
C THR A 173 -7.08 27.22 -19.74
N TYR A 174 -6.80 26.00 -20.17
CA TYR A 174 -7.57 24.80 -19.80
C TYR A 174 -6.66 23.74 -19.14
N SER A 175 -7.28 22.81 -18.44
CA SER A 175 -6.54 21.71 -17.91
C SER A 175 -7.49 20.57 -18.22
N LEU A 176 -6.92 19.39 -18.41
CA LEU A 176 -7.73 18.25 -18.78
C LEU A 176 -7.16 17.02 -18.09
N SER A 177 -8.06 16.16 -17.61
CA SER A 177 -7.67 14.95 -16.91
C SER A 177 -8.17 13.73 -17.68
N SER A 178 -7.30 12.75 -17.89
CA SER A 178 -7.70 11.54 -18.59
C SER A 178 -7.44 10.36 -17.68
N THR A 179 -8.38 9.43 -17.73
CA THR A 179 -8.33 8.25 -16.95
C THR A 179 -8.46 6.95 -17.71
N LEU A 180 -7.43 6.13 -17.65
CA LEU A 180 -7.42 4.83 -18.30
C LEU A 180 -7.81 3.82 -17.21
N THR A 181 -8.86 3.03 -17.47
CA THR A 181 -9.39 2.09 -16.50
C THR A 181 -9.37 0.61 -16.81
N LEU A 182 -8.57 -0.14 -16.09
CA LEU A 182 -8.45 -1.57 -16.32
C LEU A 182 -8.74 -2.39 -15.04
N SER A 183 -9.11 -3.65 -15.25
CA SER A 183 -9.32 -4.57 -14.16
C SER A 183 -7.94 -4.67 -13.54
N LYS A 184 -7.86 -5.23 -12.33
CA LYS A 184 -6.52 -5.38 -11.67
C LYS A 184 -5.81 -6.45 -12.52
N ALA A 185 -6.60 -7.43 -12.95
CA ALA A 185 -6.15 -8.53 -13.80
C ALA A 185 -5.30 -7.96 -14.93
N ASP A 186 -5.92 -7.30 -15.93
CA ASP A 186 -5.17 -6.76 -17.08
C ASP A 186 -4.03 -5.87 -16.67
N TYR A 187 -4.31 -4.97 -15.75
CA TYR A 187 -3.26 -4.08 -15.28
C TYR A 187 -2.01 -4.89 -14.92
N GLU A 188 -2.28 -6.08 -14.38
CA GLU A 188 -1.22 -6.97 -13.93
C GLU A 188 -0.50 -7.59 -15.09
N LYS A 189 -1.24 -7.90 -16.15
CA LYS A 189 -0.66 -8.52 -17.33
C LYS A 189 0.15 -7.59 -18.23
N HIS A 190 0.82 -6.55 -17.74
CA HIS A 190 1.53 -5.67 -18.68
C HIS A 190 2.45 -4.81 -17.89
N LYS A 191 3.35 -4.11 -18.56
CA LYS A 191 4.31 -3.32 -17.81
C LYS A 191 4.57 -1.87 -18.08
N VAL A 192 4.64 -1.44 -19.34
CA VAL A 192 4.91 -0.01 -19.60
C VAL A 192 3.61 0.79 -19.76
N TYR A 193 3.38 1.80 -18.94
CA TYR A 193 2.12 2.53 -19.07
C TYR A 193 2.37 3.89 -19.61
N ALA A 194 1.68 4.27 -20.68
CA ALA A 194 2.00 5.53 -21.27
C ALA A 194 0.85 6.37 -21.74
N CYS A 195 1.06 7.65 -21.45
CA CYS A 195 0.20 8.75 -21.79
C CYS A 195 0.87 9.68 -22.86
N GLU A 196 0.46 9.57 -24.12
CA GLU A 196 1.01 10.41 -25.21
C GLU A 196 0.07 11.58 -25.46
N VAL A 197 0.60 12.79 -25.31
CA VAL A 197 -0.19 14.02 -25.45
C VAL A 197 0.24 14.85 -26.64
N THR A 198 -0.71 15.19 -27.51
CA THR A 198 -0.31 16.07 -28.58
C THR A 198 -1.19 17.34 -28.48
N HIS A 199 -0.52 18.48 -28.63
CA HIS A 199 -1.10 19.77 -28.57
C HIS A 199 -0.33 20.74 -29.45
N GLN A 200 -1.02 21.70 -30.05
CA GLN A 200 -0.31 22.57 -30.97
C GLN A 200 0.80 23.46 -30.38
N GLY A 201 0.89 23.54 -29.07
CA GLY A 201 1.92 24.38 -28.46
C GLY A 201 3.16 23.51 -28.34
N LEU A 202 2.98 22.25 -28.72
CA LEU A 202 4.02 21.25 -28.64
C LEU A 202 4.62 20.94 -30.04
N SER A 203 5.94 21.02 -30.11
CA SER A 203 6.69 20.80 -31.36
C SER A 203 6.71 19.30 -31.73
N SER A 204 6.63 18.46 -30.70
CA SER A 204 6.61 17.03 -30.87
C SER A 204 5.77 16.49 -29.71
N PRO A 205 4.94 15.45 -29.93
CA PRO A 205 4.10 14.89 -28.87
C PRO A 205 4.91 14.51 -27.63
N VAL A 206 4.40 14.89 -26.47
CA VAL A 206 5.02 14.56 -25.20
C VAL A 206 4.52 13.24 -24.65
N THR A 207 5.40 12.57 -23.92
CA THR A 207 5.04 11.30 -23.37
C THR A 207 5.51 11.12 -21.95
N LYS A 208 4.57 10.77 -21.07
CA LYS A 208 4.86 10.46 -19.68
C LYS A 208 4.37 9.01 -19.46
N SER A 209 5.31 8.14 -19.14
CA SER A 209 5.03 6.72 -18.84
C SER A 209 5.75 6.34 -17.53
N PHE A 210 5.51 5.12 -17.10
CA PHE A 210 6.11 4.65 -15.88
C PHE A 210 6.04 3.14 -15.98
N ASN A 211 6.92 2.44 -15.25
CA ASN A 211 6.85 0.99 -15.29
C ASN A 211 6.10 0.46 -14.08
N ARG A 212 5.16 -0.43 -14.32
CA ARG A 212 4.39 -0.96 -13.24
C ARG A 212 5.27 -1.42 -12.08
N GLY A 213 4.96 -0.92 -10.89
CA GLY A 213 5.68 -1.31 -9.70
C GLY A 213 6.87 -0.42 -9.43
N GLU A 214 7.30 0.26 -10.47
CA GLU A 214 8.43 1.11 -10.26
C GLU A 214 8.15 2.45 -9.67
N CYS A 215 6.91 2.89 -9.72
CA CYS A 215 6.62 4.19 -9.16
C CYS A 215 6.59 4.21 -7.59
N GLU B 1 -38.91 40.29 -10.37
CA GLU B 1 -40.30 40.73 -10.30
C GLU B 1 -41.04 39.45 -10.09
N VAL B 2 -40.51 38.32 -10.59
CA VAL B 2 -41.14 36.99 -10.35
C VAL B 2 -40.12 35.89 -10.09
N GLN B 3 -40.41 35.05 -9.09
CA GLN B 3 -39.57 33.95 -8.69
C GLN B 3 -40.30 32.63 -8.92
N LEU B 4 -39.57 31.63 -9.44
CA LEU B 4 -40.11 30.25 -9.59
C LEU B 4 -39.14 29.39 -8.80
N GLN B 5 -39.64 28.64 -7.84
CA GLN B 5 -38.81 27.83 -6.99
C GLN B 5 -39.18 26.41 -7.31
N GLN B 6 -38.19 25.56 -7.64
CA GLN B 6 -38.50 24.14 -7.97
C GLN B 6 -37.94 23.24 -6.92
N TRP B 7 -38.42 22.01 -6.90
CA TRP B 7 -37.97 20.94 -6.01
C TRP B 7 -38.46 19.58 -6.57
N GLY B 8 -37.93 18.49 -6.04
CA GLY B 8 -38.35 17.14 -6.46
C GLY B 8 -37.18 16.19 -6.34
N ALA B 9 -37.44 14.89 -6.26
CA ALA B 9 -36.37 13.90 -6.08
C ALA B 9 -35.29 13.97 -7.12
N GLY B 10 -34.04 14.14 -6.72
CA GLY B 10 -32.99 14.29 -7.70
C GLY B 10 -32.35 13.01 -8.20
N LEU B 11 -32.74 11.89 -7.62
CA LEU B 11 -32.11 10.61 -7.99
C LEU B 11 -33.13 9.48 -8.08
N LEU B 12 -33.05 8.70 -9.16
CA LEU B 12 -34.02 7.61 -9.42
C LEU B 12 -33.42 6.38 -10.11
N LYS B 13 -34.15 5.29 -10.15
CA LYS B 13 -33.66 4.13 -10.82
C LYS B 13 -34.52 3.94 -12.04
N PRO B 14 -33.96 3.31 -13.07
CA PRO B 14 -34.68 3.04 -14.32
C PRO B 14 -36.06 2.47 -14.10
N SER B 15 -37.05 2.94 -14.88
CA SER B 15 -38.47 2.52 -14.86
C SER B 15 -39.34 3.31 -13.89
N GLU B 16 -38.73 4.00 -12.94
CA GLU B 16 -39.51 4.81 -12.01
C GLU B 16 -40.04 6.07 -12.72
N THR B 17 -40.80 6.86 -11.96
CA THR B 17 -41.25 8.08 -12.52
C THR B 17 -40.76 9.39 -11.87
N LEU B 18 -40.23 10.27 -12.71
CA LEU B 18 -39.72 11.54 -12.28
C LEU B 18 -40.88 12.48 -11.91
N SER B 19 -40.76 13.13 -10.77
CA SER B 19 -41.77 14.02 -10.31
C SER B 19 -41.13 15.31 -9.80
N LEU B 20 -41.42 16.44 -10.47
CA LEU B 20 -40.90 17.75 -10.08
C LEU B 20 -42.05 18.76 -9.93
N THR B 21 -41.81 19.80 -9.15
CA THR B 21 -42.80 20.83 -8.96
C THR B 21 -42.17 22.22 -9.04
N CYS B 22 -42.96 23.21 -9.45
CA CYS B 22 -42.46 24.57 -9.58
C CYS B 22 -43.52 25.49 -9.02
N ALA B 23 -43.08 26.38 -8.10
CA ALA B 23 -43.98 27.33 -7.42
C ALA B 23 -43.63 28.72 -7.87
N VAL B 24 -44.65 29.54 -8.14
CA VAL B 24 -44.53 30.91 -8.55
C VAL B 24 -44.85 31.93 -7.44
N TYR B 25 -43.94 32.88 -7.24
CA TYR B 25 -44.09 33.95 -6.28
C TYR B 25 -43.95 35.28 -7.03
N GLY B 26 -45.03 36.06 -7.06
CA GLY B 26 -45.05 37.33 -7.77
C GLY B 26 -45.92 37.30 -9.02
N GLY B 27 -46.42 38.45 -9.46
CA GLY B 27 -47.26 38.54 -10.66
C GLY B 27 -48.53 37.70 -10.60
N SER B 28 -49.24 37.50 -11.72
CA SER B 28 -50.44 36.65 -11.62
C SER B 28 -50.03 35.28 -12.12
N PHE B 29 -50.73 34.28 -11.68
CA PHE B 29 -50.42 32.93 -12.11
C PHE B 29 -51.27 32.60 -13.36
N SER B 30 -52.23 33.46 -13.68
CA SER B 30 -53.11 33.16 -14.80
C SER B 30 -52.68 33.42 -16.22
N ASP B 31 -53.26 32.61 -17.09
CA ASP B 31 -53.12 32.67 -18.54
C ASP B 31 -51.78 32.32 -19.17
N TYR B 32 -50.67 32.59 -18.49
CA TYR B 32 -49.37 32.25 -19.08
C TYR B 32 -49.25 30.73 -19.31
N TYR B 33 -48.53 30.33 -20.34
CA TYR B 33 -48.35 28.91 -20.45
C TYR B 33 -47.01 28.68 -19.75
N TRP B 34 -47.04 27.91 -18.67
CA TRP B 34 -45.87 27.56 -17.86
C TRP B 34 -45.13 26.36 -18.49
N SER B 35 -43.83 26.49 -18.77
CA SER B 35 -43.13 25.37 -19.38
C SER B 35 -42.12 24.64 -18.48
N TRP B 36 -41.82 23.41 -18.90
CA TRP B 36 -40.78 22.57 -18.30
C TRP B 36 -39.85 22.35 -19.53
N ILE B 37 -38.55 22.43 -19.28
CA ILE B 37 -37.53 22.31 -20.30
C ILE B 37 -36.37 21.53 -19.66
N ARG B 38 -35.58 20.76 -20.38
CA ARG B 38 -34.50 20.07 -19.68
C ARG B 38 -33.21 20.16 -20.49
N GLN B 39 -32.13 19.73 -19.86
CA GLN B 39 -30.83 19.87 -20.46
C GLN B 39 -29.91 18.82 -19.87
N PRO B 40 -29.55 17.82 -20.69
CA PRO B 40 -28.67 16.73 -20.34
C PRO B 40 -27.32 17.33 -20.08
N PRO B 41 -26.59 16.82 -19.07
CA PRO B 41 -25.24 17.31 -18.71
C PRO B 41 -24.50 17.34 -20.00
N GLY B 42 -23.90 18.49 -20.27
CA GLY B 42 -23.16 18.64 -21.51
C GLY B 42 -23.86 18.84 -22.84
N LYS B 43 -25.19 18.79 -22.89
CA LYS B 43 -25.92 19.00 -24.13
C LYS B 43 -26.80 20.28 -24.17
N GLY B 44 -27.61 20.39 -25.22
CA GLY B 44 -28.46 21.57 -25.37
C GLY B 44 -29.82 21.39 -24.76
N LEU B 45 -30.65 22.40 -24.82
CA LEU B 45 -31.98 22.37 -24.24
C LEU B 45 -33.09 21.75 -25.08
N GLU B 46 -34.00 21.04 -24.41
CA GLU B 46 -35.16 20.38 -25.06
C GLU B 46 -36.41 20.86 -24.35
N TRP B 47 -37.41 21.29 -25.09
CA TRP B 47 -38.64 21.78 -24.41
C TRP B 47 -39.51 20.59 -24.25
N ILE B 48 -40.06 20.39 -23.06
CA ILE B 48 -40.90 19.23 -22.76
C ILE B 48 -42.41 19.43 -22.97
N GLY B 49 -42.98 20.48 -22.37
CA GLY B 49 -44.40 20.82 -22.53
C GLY B 49 -44.72 22.11 -21.75
N GLU B 50 -45.99 22.50 -21.69
CA GLU B 50 -46.46 23.70 -21.00
C GLU B 50 -47.90 23.51 -20.61
N ILE B 51 -48.42 24.32 -19.71
CA ILE B 51 -49.80 24.21 -19.24
C ILE B 51 -50.23 25.57 -18.76
N ASN B 52 -51.47 25.95 -18.99
CA ASN B 52 -51.90 27.23 -18.50
C ASN B 52 -52.80 26.96 -17.28
N HIS B 53 -53.29 27.99 -16.64
CA HIS B 53 -54.08 27.72 -15.44
C HIS B 53 -55.36 26.96 -15.64
N SER B 54 -55.89 26.90 -16.86
CA SER B 54 -57.15 26.18 -17.12
C SER B 54 -56.90 24.71 -17.36
N GLY B 55 -55.62 24.34 -17.41
CA GLY B 55 -55.31 22.95 -17.61
C GLY B 55 -54.88 22.56 -19.00
N SER B 56 -54.98 23.51 -19.93
CA SER B 56 -54.59 23.27 -21.31
C SER B 56 -53.10 23.02 -21.44
N THR B 57 -52.73 21.89 -22.05
CA THR B 57 -51.34 21.53 -22.21
C THR B 57 -50.90 21.45 -23.67
N ASN B 58 -49.60 21.65 -23.90
CA ASN B 58 -48.99 21.46 -25.20
C ASN B 58 -47.72 20.70 -24.91
N TYR B 59 -47.60 19.52 -25.53
CA TYR B 59 -46.44 18.63 -25.35
C TYR B 59 -45.56 18.42 -26.57
N ASN B 60 -44.27 18.27 -26.30
CA ASN B 60 -43.32 17.96 -27.35
C ASN B 60 -43.62 16.51 -27.65
N PRO B 61 -43.91 16.15 -28.90
CA PRO B 61 -44.18 14.73 -29.19
C PRO B 61 -42.97 13.83 -28.87
N SER B 62 -41.78 14.39 -28.64
CA SER B 62 -40.65 13.55 -28.30
C SER B 62 -40.83 12.81 -26.94
N LEU B 63 -41.74 13.30 -26.13
CA LEU B 63 -42.01 12.74 -24.82
C LEU B 63 -43.48 12.42 -24.54
N LYS B 64 -44.43 12.94 -25.34
CA LYS B 64 -45.88 12.77 -25.10
C LYS B 64 -46.35 11.44 -24.44
N SER B 65 -45.87 10.32 -24.97
CA SER B 65 -46.16 8.99 -24.47
C SER B 65 -45.97 8.88 -22.94
N ARG B 66 -44.87 9.47 -22.44
CA ARG B 66 -44.43 9.42 -21.04
C ARG B 66 -44.64 10.69 -20.17
N VAL B 67 -44.96 11.84 -20.78
CA VAL B 67 -45.13 13.04 -19.98
C VAL B 67 -46.54 13.41 -19.55
N THR B 68 -46.61 13.96 -18.35
CA THR B 68 -47.85 14.50 -17.81
C THR B 68 -47.48 15.74 -17.02
N ILE B 69 -47.99 16.87 -17.46
CA ILE B 69 -47.75 18.08 -16.74
C ILE B 69 -49.10 18.50 -16.17
N SER B 70 -49.14 18.97 -14.96
CA SER B 70 -50.43 19.35 -14.44
C SER B 70 -50.36 20.66 -13.63
N VAL B 71 -51.47 21.26 -13.23
CA VAL B 71 -51.45 22.51 -12.49
C VAL B 71 -52.28 22.42 -11.21
N ASP B 72 -51.94 23.33 -10.30
CA ASP B 72 -52.64 23.50 -9.06
C ASP B 72 -52.76 25.00 -8.78
N THR B 73 -53.91 25.57 -9.15
CA THR B 73 -54.15 27.01 -8.99
C THR B 73 -54.32 27.38 -7.52
N SER B 74 -54.63 26.42 -6.66
CA SER B 74 -54.77 26.76 -5.24
C SER B 74 -53.42 26.98 -4.52
N LYS B 75 -52.30 26.69 -5.21
CA LYS B 75 -50.96 26.86 -4.62
C LYS B 75 -50.02 27.60 -5.56
N ASN B 76 -50.61 27.95 -6.70
CA ASN B 76 -49.92 28.61 -7.76
C ASN B 76 -48.67 27.80 -8.15
N GLN B 77 -48.88 26.52 -8.45
CA GLN B 77 -47.80 25.69 -8.87
C GLN B 77 -48.19 24.81 -10.01
N PHE B 78 -47.16 24.26 -10.66
CA PHE B 78 -47.37 23.33 -11.72
C PHE B 78 -46.28 22.30 -11.60
N SER B 79 -46.54 21.16 -12.17
CA SER B 79 -45.67 20.03 -11.97
C SER B 79 -45.54 19.14 -13.17
N LEU B 80 -44.43 18.41 -13.15
CA LEU B 80 -44.10 17.55 -14.24
C LEU B 80 -43.90 16.16 -13.78
N LYS B 81 -44.46 15.21 -14.54
CA LYS B 81 -44.25 13.80 -14.27
C LYS B 81 -43.78 13.12 -15.54
N LEU B 82 -42.68 12.38 -15.44
CA LEU B 82 -42.12 11.67 -16.61
C LEU B 82 -41.94 10.21 -16.24
N SER B 83 -42.77 9.37 -16.82
CA SER B 83 -42.70 7.95 -16.43
C SER B 83 -41.62 7.08 -17.13
N SER B 84 -41.45 5.85 -16.65
CA SER B 84 -40.50 4.90 -17.24
C SER B 84 -39.15 5.49 -17.59
N VAL B 85 -38.52 6.10 -16.60
CA VAL B 85 -37.25 6.77 -16.83
C VAL B 85 -36.09 5.83 -17.23
N THR B 86 -35.10 6.35 -17.94
CA THR B 86 -33.90 5.60 -18.23
C THR B 86 -32.74 6.59 -18.07
N ALA B 87 -31.51 6.11 -18.20
CA ALA B 87 -30.37 7.02 -18.05
C ALA B 87 -30.48 8.21 -19.00
N ALA B 88 -31.19 8.04 -20.10
CA ALA B 88 -31.26 9.15 -21.02
C ALA B 88 -31.95 10.30 -20.42
N ASP B 89 -32.77 10.09 -19.37
CA ASP B 89 -33.48 11.23 -18.80
C ASP B 89 -32.73 11.99 -17.75
N THR B 90 -31.47 11.59 -17.50
CA THR B 90 -30.63 12.32 -16.57
C THR B 90 -30.44 13.70 -17.15
N ALA B 91 -30.76 14.75 -16.38
CA ALA B 91 -30.69 16.10 -16.90
C ALA B 91 -31.04 17.16 -15.81
N VAL B 92 -30.84 18.48 -16.14
CA VAL B 92 -31.22 19.60 -15.24
C VAL B 92 -32.56 20.01 -15.80
N TYR B 93 -33.56 19.92 -14.96
CA TYR B 93 -34.88 20.30 -15.45
C TYR B 93 -35.21 21.72 -14.97
N TYR B 94 -35.80 22.54 -15.84
CA TYR B 94 -36.18 23.92 -15.49
C TYR B 94 -37.61 24.19 -15.68
N CYS B 95 -38.21 25.06 -14.86
CA CYS B 95 -39.56 25.49 -15.21
C CYS B 95 -39.34 26.86 -15.80
N ALA B 96 -40.29 27.36 -16.59
CA ALA B 96 -40.13 28.70 -17.19
C ALA B 96 -41.45 29.36 -17.59
N ARG B 97 -41.39 30.70 -17.68
CA ARG B 97 -42.52 31.54 -17.97
C ARG B 97 -42.26 32.57 -19.05
N PRO B 98 -43.23 32.81 -19.96
CA PRO B 98 -43.05 33.82 -21.01
C PRO B 98 -43.37 35.17 -20.37
N PRO B 99 -42.92 36.24 -21.00
CA PRO B 99 -43.16 37.59 -20.51
C PRO B 99 -44.62 37.99 -20.55
N HIS B 100 -45.33 37.68 -21.66
CA HIS B 100 -46.74 38.06 -21.85
C HIS B 100 -47.60 36.84 -22.03
N ASP B 101 -48.85 36.93 -21.60
CA ASP B 101 -49.71 35.75 -21.71
C ASP B 101 -50.10 35.45 -23.15
N THR B 102 -50.14 36.47 -24.00
CA THR B 102 -50.50 36.28 -25.39
C THR B 102 -49.41 36.77 -26.32
N SER B 103 -48.26 36.18 -26.23
CA SER B 103 -47.18 36.56 -27.12
C SER B 103 -46.42 35.27 -27.50
N GLY B 104 -45.18 35.44 -27.94
CA GLY B 104 -44.40 34.29 -28.30
C GLY B 104 -44.05 33.45 -27.07
N HIS B 105 -43.90 32.13 -27.28
CA HIS B 105 -43.48 31.33 -26.16
C HIS B 105 -41.96 31.27 -26.08
N TYR B 106 -41.33 32.35 -25.59
CA TYR B 106 -39.89 32.43 -25.32
C TYR B 106 -39.97 32.81 -23.85
N TRP B 107 -38.91 32.65 -23.09
CA TRP B 107 -39.01 32.82 -21.64
C TRP B 107 -38.01 33.74 -20.98
N ASN B 108 -38.52 34.73 -20.27
CA ASN B 108 -37.65 35.69 -19.57
C ASN B 108 -37.46 35.30 -18.05
N TYR B 109 -38.40 34.50 -17.51
CA TYR B 109 -38.35 33.97 -16.15
C TYR B 109 -38.07 32.46 -16.15
N TRP B 110 -37.15 32.07 -15.27
CA TRP B 110 -36.68 30.70 -15.16
C TRP B 110 -36.51 30.27 -13.74
N GLY B 111 -36.80 28.99 -13.48
CA GLY B 111 -36.54 28.40 -12.17
C GLY B 111 -35.01 28.22 -12.09
N GLN B 112 -34.49 27.80 -10.94
CA GLN B 112 -33.05 27.64 -10.74
C GLN B 112 -32.59 26.35 -11.36
N GLY B 113 -33.54 25.43 -11.56
CA GLY B 113 -33.11 24.15 -12.10
C GLY B 113 -32.99 23.06 -11.02
N THR B 114 -33.32 21.83 -11.43
CA THR B 114 -33.22 20.67 -10.55
C THR B 114 -32.49 19.58 -11.29
N LEU B 115 -31.32 19.17 -10.79
CA LEU B 115 -30.68 18.06 -11.47
C LEU B 115 -31.39 16.78 -11.01
N VAL B 116 -31.79 15.97 -11.99
CA VAL B 116 -32.41 14.70 -11.74
C VAL B 116 -31.56 13.66 -12.49
N THR B 117 -31.10 12.68 -11.76
CA THR B 117 -30.21 11.66 -12.32
C THR B 117 -30.92 10.35 -12.24
N VAL B 118 -30.87 9.60 -13.32
CA VAL B 118 -31.49 8.28 -13.37
C VAL B 118 -30.39 7.25 -13.50
N SER B 119 -30.12 6.50 -12.44
CA SER B 119 -29.07 5.49 -12.51
C SER B 119 -29.50 4.18 -11.85
N SER B 120 -28.88 3.08 -12.25
CA SER B 120 -29.21 1.79 -11.69
C SER B 120 -28.58 1.63 -10.34
N GLY B 121 -27.58 2.47 -10.03
CA GLY B 121 -26.88 2.32 -8.76
C GLY B 121 -27.64 2.87 -7.56
N SER B 122 -27.04 2.79 -6.37
CA SER B 122 -27.61 3.33 -5.16
C SER B 122 -26.68 4.45 -4.72
N ALA B 123 -27.22 5.49 -4.07
CA ALA B 123 -26.44 6.61 -3.57
C ALA B 123 -25.22 6.18 -2.75
N SER B 124 -24.04 6.71 -3.02
CA SER B 124 -22.90 6.32 -2.18
C SER B 124 -21.94 7.44 -2.06
N ALA B 125 -21.29 7.49 -0.92
CA ALA B 125 -20.32 8.50 -0.67
C ALA B 125 -19.16 8.03 -1.56
N PRO B 126 -18.22 8.92 -1.87
CA PRO B 126 -17.11 8.47 -2.72
C PRO B 126 -16.05 7.76 -1.91
N THR B 127 -15.27 6.89 -2.55
CA THR B 127 -14.14 6.32 -1.86
C THR B 127 -12.95 7.06 -2.54
N LEU B 128 -11.99 7.52 -1.73
CA LEU B 128 -10.84 8.31 -2.14
C LEU B 128 -9.48 7.61 -2.29
N PHE B 129 -8.74 7.97 -3.35
CA PHE B 129 -7.41 7.42 -3.56
C PHE B 129 -6.45 8.51 -3.93
N PRO B 130 -5.22 8.44 -3.41
CA PRO B 130 -4.11 9.39 -3.62
C PRO B 130 -3.48 9.33 -5.05
N LEU B 131 -3.06 10.47 -5.62
CA LEU B 131 -2.45 10.43 -6.93
C LEU B 131 -1.08 10.99 -6.75
N VAL B 132 -0.10 10.11 -6.61
CA VAL B 132 1.31 10.52 -6.45
C VAL B 132 2.02 10.48 -7.81
N SER B 133 2.69 11.57 -8.17
CA SER B 133 3.36 11.62 -9.47
C SER B 133 4.60 10.69 -9.61
N CYS B 134 5.21 10.75 -10.79
CA CYS B 134 6.41 9.98 -11.14
C CYS B 134 7.04 10.28 -12.53
N THR B 141 8.72 20.65 -13.16
CA THR B 141 8.80 22.07 -13.67
C THR B 141 8.84 23.12 -12.53
N SER B 142 9.58 22.86 -11.45
CA SER B 142 9.68 23.79 -10.27
C SER B 142 8.32 23.94 -9.56
N SER B 143 7.50 22.93 -9.80
CA SER B 143 6.17 22.77 -9.21
C SER B 143 5.79 21.33 -9.53
N VAL B 144 5.49 20.60 -8.47
CA VAL B 144 5.09 19.21 -8.49
C VAL B 144 3.54 19.09 -8.34
N ALA B 145 2.96 18.10 -9.00
CA ALA B 145 1.52 17.91 -8.97
C ALA B 145 1.17 16.78 -8.05
N VAL B 146 0.16 17.04 -7.23
CA VAL B 146 -0.33 16.07 -6.25
C VAL B 146 -1.85 15.96 -6.44
N GLY B 147 -2.37 14.74 -6.48
CA GLY B 147 -3.79 14.62 -6.72
C GLY B 147 -4.59 13.69 -5.87
N CYS B 148 -5.89 13.87 -5.99
CA CYS B 148 -6.85 13.06 -5.28
C CYS B 148 -7.92 12.59 -6.25
N LEU B 149 -8.25 11.32 -6.15
CA LEU B 149 -9.24 10.72 -7.03
C LEU B 149 -10.45 10.26 -6.23
N ALA B 150 -11.63 10.69 -6.64
CA ALA B 150 -12.85 10.29 -5.94
C ALA B 150 -13.62 9.36 -6.81
N GLN B 151 -14.00 8.21 -6.29
CA GLN B 151 -14.68 7.22 -7.10
C GLN B 151 -15.93 6.60 -6.52
N ASP B 152 -16.73 5.92 -7.36
CA ASP B 152 -17.94 5.17 -6.95
C ASP B 152 -18.92 6.02 -6.18
N PHE B 153 -19.09 7.30 -6.54
CA PHE B 153 -20.04 8.18 -5.83
C PHE B 153 -21.30 8.57 -6.64
N LEU B 154 -22.42 8.78 -5.96
CA LEU B 154 -23.67 9.10 -6.63
C LEU B 154 -24.57 9.68 -5.50
N PRO B 155 -25.31 10.78 -5.77
CA PRO B 155 -25.29 11.46 -7.07
C PRO B 155 -24.03 12.29 -7.24
N ASP B 156 -23.96 12.97 -8.37
CA ASP B 156 -22.84 13.79 -8.77
C ASP B 156 -22.89 15.12 -8.10
N SER B 157 -22.46 15.13 -6.83
CA SER B 157 -22.48 16.34 -6.04
C SER B 157 -21.32 16.30 -5.08
N ILE B 158 -20.18 16.71 -5.59
CA ILE B 158 -18.96 16.64 -4.82
C ILE B 158 -18.24 17.98 -4.78
N THR B 159 -17.40 18.17 -3.79
CA THR B 159 -16.62 19.37 -3.72
C THR B 159 -15.31 19.00 -2.99
N PHE B 160 -14.18 19.43 -3.52
CA PHE B 160 -12.89 19.08 -2.94
C PHE B 160 -12.26 20.23 -2.16
N SER B 161 -11.30 19.90 -1.31
CA SER B 161 -10.56 20.94 -0.61
C SER B 161 -9.28 20.33 -0.13
N TRP B 162 -8.31 21.20 0.05
CA TRP B 162 -7.01 20.73 0.35
C TRP B 162 -6.38 21.38 1.52
N LYS B 163 -5.84 20.55 2.40
CA LYS B 163 -5.12 21.06 3.55
C LYS B 163 -3.68 20.50 3.68
N TYR B 164 -2.78 21.36 4.20
CA TYR B 164 -1.39 20.93 4.48
C TYR B 164 -1.32 20.15 5.81
N LYS B 165 -0.25 19.39 5.98
CA LYS B 165 -0.04 18.65 7.20
C LYS B 165 -0.23 19.69 8.31
N ASN B 166 0.22 20.93 8.06
CA ASN B 166 0.13 22.01 9.03
C ASN B 166 -1.27 22.57 9.21
N ASN B 167 -2.19 21.90 8.55
CA ASN B 167 -3.58 22.30 8.59
C ASN B 167 -3.95 23.66 7.98
N SER B 168 -2.98 24.31 7.32
CA SER B 168 -3.28 25.57 6.61
C SER B 168 -3.86 25.10 5.25
N ASP B 169 -4.71 25.92 4.66
CA ASP B 169 -5.35 25.55 3.42
C ASP B 169 -4.38 25.54 2.31
N ILE B 170 -4.68 24.75 1.29
CA ILE B 170 -3.85 24.75 0.09
C ILE B 170 -4.82 25.49 -0.79
N SER B 171 -4.36 26.57 -1.41
CA SER B 171 -5.24 27.38 -2.26
C SER B 171 -5.16 26.84 -3.68
N SER B 172 -3.93 26.48 -4.08
CA SER B 172 -3.57 25.91 -5.42
C SER B 172 -4.43 24.70 -5.92
N THR B 173 -5.74 24.93 -6.04
CA THR B 173 -6.71 23.94 -6.47
C THR B 173 -7.09 24.03 -7.95
N ARG B 174 -7.23 22.86 -8.54
CA ARG B 174 -7.62 22.75 -9.92
C ARG B 174 -8.85 21.81 -9.89
N GLY B 175 -9.94 22.26 -10.55
CA GLY B 175 -11.24 21.52 -10.58
C GLY B 175 -11.88 20.85 -11.83
N PHE B 176 -11.91 19.51 -11.86
CA PHE B 176 -12.47 18.77 -12.98
C PHE B 176 -13.89 18.20 -12.89
N PRO B 177 -14.67 18.26 -13.98
CA PRO B 177 -16.03 17.73 -13.99
C PRO B 177 -16.07 16.18 -13.85
N SER B 178 -17.06 15.67 -13.14
CA SER B 178 -17.17 14.24 -12.97
C SER B 178 -17.40 13.53 -14.30
N VAL B 179 -17.06 12.26 -14.36
CA VAL B 179 -17.26 11.54 -15.57
C VAL B 179 -18.12 10.39 -15.11
N LEU B 180 -19.02 9.94 -15.95
CA LEU B 180 -19.94 8.91 -15.62
C LEU B 180 -19.53 7.52 -16.10
N ARG B 181 -19.61 6.53 -15.21
CA ARG B 181 -19.33 5.14 -15.57
C ARG B 181 -19.93 4.16 -14.59
N GLY B 182 -20.59 3.16 -15.16
CA GLY B 182 -21.23 2.13 -14.38
C GLY B 182 -22.37 2.75 -13.63
N GLY B 183 -22.88 3.87 -14.15
CA GLY B 183 -24.00 4.51 -13.48
C GLY B 183 -23.55 5.25 -12.23
N LYS B 184 -22.26 5.33 -11.99
CA LYS B 184 -21.76 6.11 -10.87
C LYS B 184 -20.70 7.06 -11.40
N TYR B 185 -20.26 8.03 -10.59
CA TYR B 185 -19.30 9.08 -10.94
C TYR B 185 -17.92 9.01 -10.30
N ALA B 186 -16.96 9.65 -10.97
CA ALA B 186 -15.56 9.76 -10.53
C ALA B 186 -15.13 11.14 -10.85
N ALA B 187 -14.20 11.69 -10.07
CA ALA B 187 -13.72 13.05 -10.30
C ALA B 187 -12.32 13.15 -9.73
N THR B 188 -11.46 13.97 -10.31
CA THR B 188 -10.10 14.07 -9.75
C THR B 188 -9.88 15.50 -9.34
N SER B 189 -8.83 15.74 -8.57
CA SER B 189 -8.46 17.08 -8.12
C SER B 189 -6.95 17.14 -7.89
N GLN B 190 -6.34 18.30 -8.15
CA GLN B 190 -4.90 18.41 -7.97
C GLN B 190 -4.42 19.75 -7.46
N VAL B 191 -3.32 19.73 -6.76
CA VAL B 191 -2.78 20.96 -6.27
C VAL B 191 -1.42 20.89 -6.89
N LEU B 192 -0.85 22.06 -7.20
CA LEU B 192 0.49 22.12 -7.79
C LEU B 192 1.39 22.75 -6.75
N LEU B 193 2.23 21.90 -6.18
CA LEU B 193 3.17 22.31 -5.14
C LEU B 193 4.58 22.58 -5.69
N PRO B 194 5.13 23.79 -5.50
CA PRO B 194 6.47 24.11 -5.99
C PRO B 194 7.61 23.11 -5.66
N SER B 195 8.07 22.41 -6.71
CA SER B 195 9.17 21.40 -6.74
C SER B 195 10.08 21.48 -5.53
N LYS B 196 10.68 22.65 -5.36
CA LYS B 196 11.62 22.84 -4.29
C LYS B 196 11.07 22.88 -2.88
N ASP B 197 10.00 22.10 -2.66
CA ASP B 197 9.40 21.98 -1.33
C ASP B 197 9.52 20.53 -0.94
N VAL B 198 10.78 20.31 -0.57
CA VAL B 198 11.46 19.10 -0.10
C VAL B 198 12.52 19.71 0.89
N THR B 202 9.98 18.86 7.39
CA THR B 202 9.65 18.52 5.99
C THR B 202 8.32 17.81 6.09
N ASP B 203 7.39 18.10 5.18
CA ASP B 203 6.08 17.43 5.19
C ASP B 203 6.17 16.15 4.35
N GLU B 204 5.54 15.07 4.81
CA GLU B 204 5.60 13.82 4.07
C GLU B 204 4.35 13.66 3.21
N HIS B 205 3.39 14.54 3.46
CA HIS B 205 2.11 14.46 2.74
C HIS B 205 1.23 15.70 2.87
N VAL B 206 0.11 15.60 2.18
CA VAL B 206 -0.86 16.63 2.19
C VAL B 206 -2.17 15.90 2.39
N VAL B 207 -3.25 16.63 2.65
CA VAL B 207 -4.55 15.98 2.86
C VAL B 207 -5.62 16.38 1.88
N CYS B 208 -6.23 15.39 1.24
CA CYS B 208 -7.29 15.67 0.31
C CYS B 208 -8.62 15.51 1.03
N LYS B 209 -9.59 16.40 0.78
CA LYS B 209 -10.94 16.26 1.38
C LYS B 209 -12.09 16.47 0.37
N VAL B 210 -13.17 15.69 0.52
CA VAL B 210 -14.35 15.84 -0.33
C VAL B 210 -15.61 15.80 0.45
N GLN B 211 -16.58 16.55 -0.02
CA GLN B 211 -17.82 16.53 0.70
C GLN B 211 -18.74 16.00 -0.30
N HIS B 212 -19.71 15.25 0.19
CA HIS B 212 -20.75 14.57 -0.56
C HIS B 212 -21.93 14.35 0.43
N PRO B 213 -23.13 14.41 -0.07
CA PRO B 213 -24.40 14.25 0.67
C PRO B 213 -24.36 12.97 1.48
N ASN B 214 -23.76 11.96 0.89
CA ASN B 214 -23.70 10.74 1.61
C ASN B 214 -22.60 10.59 2.63
N GLY B 215 -21.79 11.63 2.83
CA GLY B 215 -20.74 11.61 3.85
C GLY B 215 -19.45 12.22 3.36
N ASN B 216 -18.75 12.94 4.23
CA ASN B 216 -17.48 13.53 3.82
C ASN B 216 -16.28 12.64 4.13
N LYS B 217 -15.31 12.67 3.23
CA LYS B 217 -14.12 11.84 3.39
C LYS B 217 -12.83 12.63 3.26
N GLU B 218 -11.75 12.02 3.70
CA GLU B 218 -10.46 12.66 3.56
C GLU B 218 -9.46 11.54 3.39
N LYS B 219 -8.32 11.90 2.82
CA LYS B 219 -7.25 10.94 2.55
C LYS B 219 -5.94 11.73 2.43
N ASN B 220 -4.88 11.26 3.09
CA ASN B 220 -3.60 11.97 2.97
C ASN B 220 -3.03 11.49 1.68
N VAL B 221 -2.43 12.46 1.00
CA VAL B 221 -1.79 12.20 -0.27
C VAL B 221 -0.33 12.47 0.03
N PRO B 222 0.48 11.43 -0.06
CA PRO B 222 1.93 11.38 0.16
C PRO B 222 2.60 12.35 -0.77
N LEU B 223 3.50 13.15 -0.24
CA LEU B 223 4.26 14.04 -1.11
C LEU B 223 5.35 13.07 -1.68
N PRO B 224 5.63 13.17 -2.99
CA PRO B 224 6.62 12.34 -3.70
C PRO B 224 8.11 12.72 -3.55
N VAL B 225 8.78 12.69 -4.70
CA VAL B 225 10.23 12.96 -5.03
C VAL B 225 11.06 11.65 -5.07
N GLU C 1 40.16 -39.39 14.39
CA GLU C 1 39.57 -38.79 15.60
C GLU C 1 38.44 -39.65 16.23
N ILE C 2 38.32 -39.58 17.53
CA ILE C 2 37.30 -40.31 18.25
C ILE C 2 35.92 -39.62 18.06
N VAL C 3 34.96 -40.33 17.45
CA VAL C 3 33.63 -39.75 17.30
C VAL C 3 32.80 -40.03 18.53
N LEU C 4 32.15 -39.00 19.09
CA LEU C 4 31.32 -39.15 20.28
C LEU C 4 29.84 -38.97 19.90
N THR C 5 28.97 -39.91 20.22
CA THR C 5 27.64 -39.61 19.82
C THR C 5 26.67 -39.67 20.96
N GLN C 6 25.95 -38.57 21.11
CA GLN C 6 25.04 -38.49 22.22
C GLN C 6 23.64 -38.85 21.81
N SER C 7 22.94 -39.49 22.74
CA SER C 7 21.56 -39.88 22.55
C SER C 7 20.93 -39.81 23.95
N PRO C 8 19.61 -39.52 24.01
CA PRO C 8 18.77 -39.27 22.84
C PRO C 8 19.03 -37.83 22.43
N ALA C 9 18.53 -37.46 21.28
CA ALA C 9 18.76 -36.09 20.78
C ALA C 9 18.10 -35.05 21.65
N THR C 10 16.94 -35.40 22.19
CA THR C 10 16.11 -34.57 23.03
C THR C 10 15.50 -35.43 24.14
N LEU C 11 15.45 -34.90 25.36
CA LEU C 11 14.83 -35.59 26.46
C LEU C 11 13.78 -34.59 26.82
N SER C 12 12.53 -35.04 26.91
CA SER C 12 11.41 -34.17 27.25
C SER C 12 11.04 -34.67 28.62
N LEU C 13 11.27 -33.83 29.65
CA LEU C 13 11.04 -34.22 31.05
C LEU C 13 10.43 -33.09 31.93
N SER C 14 9.80 -33.48 33.03
CA SER C 14 9.27 -32.45 33.92
C SER C 14 10.20 -32.28 35.09
N PRO C 15 10.12 -31.17 35.76
CA PRO C 15 11.03 -31.02 36.87
C PRO C 15 10.76 -32.09 37.89
N GLY C 16 11.79 -32.61 38.55
CA GLY C 16 11.56 -33.64 39.57
C GLY C 16 11.86 -35.03 39.05
N GLU C 17 11.79 -35.18 37.74
CA GLU C 17 12.08 -36.44 37.11
C GLU C 17 13.60 -36.60 37.04
N ARG C 18 14.02 -37.71 36.45
CA ARG C 18 15.41 -38.07 36.29
C ARG C 18 15.84 -38.14 34.86
N ALA C 19 16.90 -37.46 34.46
CA ALA C 19 17.35 -37.54 33.08
C ALA C 19 18.59 -38.38 32.94
N THR C 20 18.64 -39.24 31.93
CA THR C 20 19.85 -39.97 31.75
C THR C 20 20.27 -39.79 30.27
N LEU C 21 21.42 -39.14 30.11
CA LEU C 21 22.08 -38.79 28.87
C LEU C 21 23.24 -39.73 28.51
N SER C 22 23.27 -40.20 27.27
CA SER C 22 24.33 -41.13 26.88
C SER C 22 25.34 -40.51 25.92
N CYS C 23 26.59 -40.94 26.03
CA CYS C 23 27.65 -40.43 25.17
C CYS C 23 28.53 -41.62 24.77
N GLY C 24 28.43 -42.06 23.53
CA GLY C 24 29.24 -43.21 23.16
C GLY C 24 30.41 -42.79 22.34
N ALA C 25 31.55 -43.44 22.56
CA ALA C 25 32.77 -43.12 21.86
C ALA C 25 32.97 -44.24 20.80
N SER C 26 33.62 -43.91 19.69
CA SER C 26 33.88 -44.88 18.63
C SER C 26 35.19 -45.65 18.97
N GLN C 27 35.79 -45.34 20.10
CA GLN C 27 37.01 -46.00 20.50
C GLN C 27 36.99 -45.83 21.99
N SER C 28 37.83 -46.58 22.64
CA SER C 28 37.92 -46.49 24.07
C SER C 28 38.56 -45.14 24.49
N VAL C 29 37.95 -44.44 25.44
CA VAL C 29 38.50 -43.15 25.82
C VAL C 29 39.51 -43.29 26.94
N SER C 30 40.82 -43.16 26.64
CA SER C 30 41.91 -43.28 27.65
C SER C 30 41.72 -42.61 29.01
N SER C 31 42.08 -43.33 30.07
CA SER C 31 42.01 -42.81 31.42
C SER C 31 40.63 -42.27 31.82
N ASN C 32 39.59 -42.57 31.08
CA ASN C 32 38.26 -42.05 31.38
C ASN C 32 38.26 -40.55 31.31
N TYR C 33 39.12 -39.97 30.46
CA TYR C 33 39.12 -38.51 30.30
C TYR C 33 37.87 -38.07 29.55
N LEU C 34 36.74 -38.02 30.23
CA LEU C 34 35.52 -37.60 29.59
C LEU C 34 34.86 -36.48 30.48
N ALA C 35 34.53 -35.32 29.86
CA ALA C 35 33.92 -34.20 30.56
C ALA C 35 32.52 -33.93 30.02
N TRP C 36 31.71 -33.29 30.85
CA TRP C 36 30.35 -32.91 30.41
C TRP C 36 30.23 -31.43 30.75
N TYR C 37 29.50 -30.75 29.90
CA TYR C 37 29.22 -29.34 29.97
C TYR C 37 27.75 -29.13 29.79
N GLN C 38 27.33 -28.00 30.32
CA GLN C 38 26.00 -27.53 30.14
C GLN C 38 26.11 -26.22 29.28
N GLN C 39 25.19 -26.02 28.33
CA GLN C 39 25.20 -24.84 27.52
C GLN C 39 23.82 -24.29 27.48
N LYS C 40 23.69 -22.97 27.75
CA LYS C 40 22.43 -22.27 27.72
C LYS C 40 22.46 -21.29 26.60
N PRO C 41 21.31 -21.04 25.99
CA PRO C 41 21.22 -20.13 24.86
C PRO C 41 22.09 -18.87 24.92
N GLY C 42 23.04 -18.71 23.98
CA GLY C 42 23.89 -17.55 23.94
C GLY C 42 25.10 -17.57 24.84
N GLN C 43 25.28 -18.59 25.73
CA GLN C 43 26.49 -18.64 26.58
C GLN C 43 27.55 -19.60 26.11
N ALA C 44 28.69 -19.48 26.78
CA ALA C 44 29.78 -20.39 26.58
C ALA C 44 29.40 -21.66 27.35
N PRO C 45 29.93 -22.84 26.95
CA PRO C 45 29.65 -24.10 27.67
C PRO C 45 30.19 -23.93 29.12
N ARG C 46 29.57 -24.61 30.05
CA ARG C 46 29.91 -24.55 31.46
C ARG C 46 30.26 -25.96 31.92
N LEU C 47 31.45 -26.13 32.44
CA LEU C 47 31.93 -27.42 32.90
C LEU C 47 31.08 -28.03 34.00
N LEU C 48 30.62 -29.28 33.82
CA LEU C 48 29.85 -29.98 34.87
C LEU C 48 30.61 -31.10 35.55
N ILE C 49 31.24 -31.92 34.72
CA ILE C 49 31.93 -33.16 35.18
C ILE C 49 33.30 -33.30 34.46
N TYR C 50 34.29 -33.85 35.13
CA TYR C 50 35.54 -34.09 34.44
C TYR C 50 35.99 -35.46 34.95
N ASP C 51 36.86 -36.09 34.18
CA ASP C 51 37.38 -37.40 34.50
C ASP C 51 36.25 -38.42 34.67
N ALA C 52 35.22 -38.31 33.82
CA ALA C 52 34.04 -39.21 33.79
C ALA C 52 33.03 -39.11 34.92
N SER C 53 33.55 -39.03 36.12
CA SER C 53 32.67 -39.05 37.26
C SER C 53 32.95 -38.03 38.34
N SER C 54 33.91 -37.14 38.13
CA SER C 54 34.05 -36.12 39.15
C SER C 54 33.27 -34.87 38.79
N ARG C 55 32.57 -34.34 39.79
CA ARG C 55 31.83 -33.09 39.66
C ARG C 55 32.76 -31.83 39.81
N ALA C 56 32.59 -30.84 38.93
CA ALA C 56 33.38 -29.59 38.96
C ALA C 56 32.95 -28.73 40.17
N THR C 57 33.81 -27.84 40.73
CA THR C 57 33.36 -27.11 41.96
C THR C 57 31.97 -26.51 41.93
N GLY C 58 31.19 -26.78 42.95
CA GLY C 58 29.91 -26.12 42.96
C GLY C 58 28.73 -26.82 42.33
N ILE C 59 28.98 -27.73 41.41
CA ILE C 59 27.90 -28.47 40.72
C ILE C 59 27.12 -29.29 41.74
N PRO C 60 25.81 -29.13 41.77
CA PRO C 60 25.07 -29.92 42.81
C PRO C 60 25.21 -31.41 42.70
N ASP C 61 24.97 -32.12 43.80
CA ASP C 61 25.14 -33.56 43.62
C ASP C 61 24.11 -34.37 42.87
N ARG C 62 23.04 -33.76 42.42
CA ARG C 62 22.03 -34.40 41.63
C ARG C 62 22.63 -34.80 40.21
N PHE C 63 23.82 -34.28 39.89
CA PHE C 63 24.52 -34.50 38.63
C PHE C 63 25.50 -35.59 38.91
N SER C 64 25.40 -36.71 38.19
CA SER C 64 26.33 -37.81 38.39
C SER C 64 26.85 -38.34 37.07
N GLY C 65 28.16 -38.36 36.87
CA GLY C 65 28.69 -38.82 35.58
C GLY C 65 29.22 -40.23 35.79
N SER C 66 29.07 -41.14 34.83
CA SER C 66 29.58 -42.50 35.03
C SER C 66 30.03 -43.11 33.72
N GLY C 67 30.50 -44.36 33.77
CA GLY C 67 30.97 -45.04 32.58
C GLY C 67 32.49 -45.23 32.52
N SER C 68 32.94 -45.80 31.41
CA SER C 68 34.35 -46.11 31.19
C SER C 68 34.38 -46.73 29.81
N GLY C 69 35.59 -46.85 29.24
CA GLY C 69 35.74 -47.41 27.90
C GLY C 69 35.15 -46.59 26.74
N THR C 70 34.02 -47.05 26.23
CA THR C 70 33.42 -46.36 25.11
C THR C 70 31.99 -45.97 25.38
N ASP C 71 31.51 -46.09 26.60
CA ASP C 71 30.09 -45.74 26.82
C ASP C 71 29.97 -44.95 28.13
N PHE C 72 29.60 -43.69 28.03
CA PHE C 72 29.52 -42.84 29.20
C PHE C 72 28.11 -42.31 29.37
N THR C 73 27.78 -41.92 30.60
CA THR C 73 26.50 -41.39 30.89
C THR C 73 26.51 -40.33 32.00
N LEU C 74 25.61 -39.36 31.84
CA LEU C 74 25.41 -38.28 32.79
C LEU C 74 23.99 -38.49 33.31
N THR C 75 23.85 -38.61 34.62
CA THR C 75 22.53 -38.77 35.20
C THR C 75 22.25 -37.52 36.06
N ILE C 76 21.15 -36.83 35.75
CA ILE C 76 20.74 -35.69 36.54
C ILE C 76 19.47 -36.17 37.26
N SER C 77 19.57 -36.42 38.56
CA SER C 77 18.39 -36.89 39.30
C SER C 77 17.60 -35.67 39.63
N ARG C 78 16.33 -35.86 39.95
CA ARG C 78 15.51 -34.76 40.44
C ARG C 78 15.73 -33.40 39.76
N LEU C 79 15.50 -33.39 38.46
CA LEU C 79 15.62 -32.25 37.59
C LEU C 79 15.05 -30.96 38.20
N GLU C 80 15.85 -29.91 38.20
CA GLU C 80 15.35 -28.67 38.69
C GLU C 80 15.14 -27.77 37.48
N PRO C 81 14.34 -26.71 37.63
CA PRO C 81 14.13 -25.87 36.44
C PRO C 81 15.35 -25.35 35.74
N GLU C 82 16.42 -25.08 36.47
CA GLU C 82 17.61 -24.54 35.84
C GLU C 82 18.45 -25.58 35.04
N ASP C 83 18.04 -26.84 35.11
CA ASP C 83 18.78 -27.91 34.47
C ASP C 83 18.31 -28.13 33.02
N PHE C 84 17.27 -27.45 32.55
CA PHE C 84 16.86 -27.71 31.17
C PHE C 84 17.76 -26.92 30.28
N ALA C 85 18.60 -27.62 29.52
CA ALA C 85 19.54 -26.86 28.72
C ALA C 85 20.13 -27.92 27.82
N VAL C 86 21.22 -27.62 27.11
CA VAL C 86 21.87 -28.55 26.22
C VAL C 86 23.08 -29.02 26.99
N TYR C 87 23.46 -30.29 26.80
CA TYR C 87 24.60 -30.89 27.46
C TYR C 87 25.54 -31.54 26.41
N TYR C 88 26.84 -31.40 26.62
CA TYR C 88 27.77 -31.99 25.70
C TYR C 88 28.84 -32.86 26.37
N CYS C 89 29.28 -33.91 25.72
CA CYS C 89 30.38 -34.62 26.31
C CYS C 89 31.62 -34.27 25.50
N GLN C 90 32.79 -34.41 26.08
CA GLN C 90 33.97 -34.04 25.35
C GLN C 90 35.02 -34.99 25.88
N GLN C 91 35.77 -35.58 24.96
CA GLN C 91 36.81 -36.44 25.43
C GLN C 91 38.14 -35.71 25.19
N TYR C 92 39.09 -35.94 26.11
CA TYR C 92 40.45 -35.42 26.07
C TYR C 92 41.42 -36.58 26.39
N GLY C 93 41.06 -37.81 26.02
CA GLY C 93 41.92 -38.94 26.26
C GLY C 93 42.97 -39.02 25.15
N SER C 94 42.66 -38.51 23.97
CA SER C 94 43.65 -38.60 22.91
C SER C 94 43.38 -37.48 21.92
N SER C 95 44.38 -37.08 21.14
CA SER C 95 44.24 -36.01 20.16
C SER C 95 43.72 -36.42 18.82
N PRO C 96 42.87 -35.61 18.21
CA PRO C 96 42.26 -34.32 18.55
C PRO C 96 41.21 -34.40 19.66
N LEU C 97 41.11 -33.35 20.49
CA LEU C 97 40.08 -33.38 21.55
C LEU C 97 38.80 -33.28 20.75
N THR C 98 37.74 -33.96 21.16
CA THR C 98 36.49 -33.92 20.41
C THR C 98 35.26 -33.87 21.37
N PHE C 99 34.15 -33.30 20.86
CA PHE C 99 32.86 -33.12 21.53
C PHE C 99 31.78 -33.96 20.80
N GLY C 100 30.74 -34.31 21.57
CA GLY C 100 29.59 -35.05 21.11
C GLY C 100 28.64 -34.03 20.53
N GLY C 101 27.58 -34.51 19.93
CA GLY C 101 26.71 -33.57 19.31
C GLY C 101 25.69 -32.95 20.20
N GLY C 102 25.68 -33.24 21.48
CA GLY C 102 24.73 -32.60 22.37
C GLY C 102 23.37 -33.27 22.50
N THR C 103 22.77 -33.20 23.67
CA THR C 103 21.42 -33.67 23.81
C THR C 103 20.74 -32.58 24.59
N LYS C 104 19.56 -32.24 24.13
CA LYS C 104 18.88 -31.17 24.79
C LYS C 104 17.88 -31.68 25.77
N VAL C 105 17.95 -31.16 26.98
CA VAL C 105 17.03 -31.56 27.99
C VAL C 105 16.08 -30.45 28.06
N GLU C 106 14.86 -30.74 27.60
CA GLU C 106 13.78 -29.80 27.44
C GLU C 106 12.59 -30.06 28.42
N ILE C 107 11.78 -29.04 28.73
CA ILE C 107 10.64 -29.22 29.64
C ILE C 107 9.43 -29.82 28.96
N LYS C 108 8.87 -30.88 29.54
CA LYS C 108 7.65 -31.47 29.04
C LYS C 108 6.44 -30.82 29.77
N ARG C 109 5.38 -30.56 29.02
CA ARG C 109 4.19 -29.95 29.56
C ARG C 109 2.99 -30.41 28.71
N THR C 110 1.76 -30.04 29.05
CA THR C 110 0.63 -30.47 28.20
C THR C 110 0.72 -30.02 26.73
N VAL C 111 0.12 -30.83 25.88
CA VAL C 111 0.04 -30.56 24.45
C VAL C 111 -0.71 -29.27 24.27
N ALA C 112 -0.08 -28.35 23.54
CA ALA C 112 -0.64 -27.06 23.24
C ALA C 112 -0.54 -26.84 21.72
N ALA C 113 -1.72 -26.59 21.14
CA ALA C 113 -1.90 -26.38 19.70
C ALA C 113 -1.48 -24.99 19.29
N PRO C 114 -0.86 -24.83 18.10
CA PRO C 114 -0.49 -23.48 17.75
C PRO C 114 -1.68 -22.65 17.24
N SER C 115 -1.51 -21.33 17.32
CA SER C 115 -2.46 -20.41 16.76
C SER C 115 -1.62 -20.01 15.52
N VAL C 116 -2.22 -19.98 14.36
CA VAL C 116 -1.46 -19.71 13.17
C VAL C 116 -1.86 -18.43 12.46
N PHE C 117 -0.90 -17.67 11.93
CA PHE C 117 -1.26 -16.50 11.16
C PHE C 117 -0.52 -16.48 9.82
N ILE C 118 -1.16 -15.95 8.78
CA ILE C 118 -0.53 -15.85 7.48
C ILE C 118 -0.50 -14.42 7.02
N PHE C 119 0.63 -14.03 6.45
CA PHE C 119 0.83 -12.63 6.03
C PHE C 119 1.18 -12.48 4.55
N PRO C 120 0.61 -11.47 3.87
CA PRO C 120 0.98 -11.37 2.44
C PRO C 120 2.21 -10.56 2.33
N PRO C 121 2.90 -10.64 1.19
CA PRO C 121 4.09 -9.78 1.11
C PRO C 121 3.63 -8.30 1.17
N SER C 122 4.50 -7.39 1.62
CA SER C 122 4.13 -5.99 1.63
C SER C 122 4.13 -5.43 0.17
N ASP C 123 3.30 -4.43 -0.14
CA ASP C 123 3.29 -3.84 -1.51
C ASP C 123 4.69 -3.30 -1.74
N GLU C 124 5.25 -2.73 -0.69
CA GLU C 124 6.59 -2.19 -0.76
C GLU C 124 7.67 -3.24 -1.16
N GLN C 125 7.69 -4.37 -0.51
CA GLN C 125 8.69 -5.35 -0.89
C GLN C 125 8.48 -5.89 -2.30
N LEU C 126 7.24 -6.12 -2.67
CA LEU C 126 6.98 -6.67 -4.01
C LEU C 126 7.53 -5.83 -5.12
N LYS C 127 7.62 -4.53 -4.89
CA LYS C 127 8.09 -3.59 -5.89
C LYS C 127 9.55 -3.70 -6.12
N SER C 128 10.27 -4.13 -5.08
CA SER C 128 11.71 -4.30 -5.12
C SER C 128 12.01 -5.60 -5.87
N GLY C 129 10.96 -6.35 -6.24
CA GLY C 129 11.19 -7.60 -6.96
C GLY C 129 11.03 -8.94 -6.26
N THR C 130 10.61 -8.99 -4.99
CA THR C 130 10.42 -10.29 -4.37
C THR C 130 9.28 -10.29 -3.40
N ALA C 131 8.72 -11.48 -3.19
CA ALA C 131 7.60 -11.65 -2.28
C ALA C 131 7.92 -12.56 -1.12
N SER C 132 7.79 -12.05 0.09
CA SER C 132 7.98 -12.94 1.22
C SER C 132 6.60 -13.30 1.79
N VAL C 133 6.22 -14.60 1.74
CA VAL C 133 4.92 -14.94 2.33
C VAL C 133 5.31 -15.55 3.69
N VAL C 134 4.56 -15.17 4.71
CA VAL C 134 4.91 -15.58 6.03
C VAL C 134 3.79 -16.18 6.78
N CYS C 135 4.17 -17.15 7.59
CA CYS C 135 3.24 -17.85 8.42
C CYS C 135 3.85 -17.99 9.80
N LEU C 136 3.16 -17.58 10.86
CA LEU C 136 3.68 -17.69 12.24
C LEU C 136 2.79 -18.64 13.03
N LEU C 137 3.42 -19.59 13.72
CA LEU C 137 2.71 -20.54 14.53
C LEU C 137 3.08 -20.12 15.94
N ASN C 138 2.06 -19.91 16.74
CA ASN C 138 2.33 -19.38 18.06
C ASN C 138 2.03 -20.27 19.22
N ASN C 139 2.92 -20.18 20.21
CA ASN C 139 2.80 -20.87 21.48
C ASN C 139 2.31 -22.30 21.52
N PHE C 140 3.03 -23.23 20.90
CA PHE C 140 2.65 -24.62 20.87
C PHE C 140 3.69 -25.53 21.57
N TYR C 141 3.26 -26.77 21.83
CA TYR C 141 4.06 -27.84 22.47
C TYR C 141 3.39 -29.21 22.14
N PRO C 142 4.17 -30.24 21.79
CA PRO C 142 5.64 -30.23 21.67
C PRO C 142 6.14 -29.39 20.50
N ARG C 143 7.45 -29.32 20.45
CA ARG C 143 8.17 -28.58 19.45
C ARG C 143 7.97 -29.05 17.98
N GLU C 144 7.75 -30.36 17.72
CA GLU C 144 7.58 -30.82 16.34
C GLU C 144 6.30 -30.31 15.71
N ALA C 145 6.45 -29.66 14.58
CA ALA C 145 5.34 -29.11 13.85
C ALA C 145 5.76 -29.13 12.39
N LYS C 146 4.80 -29.19 11.51
CA LYS C 146 5.15 -29.23 10.14
C LYS C 146 4.33 -28.22 9.44
N VAL C 147 5.01 -27.42 8.65
CA VAL C 147 4.37 -26.40 7.86
C VAL C 147 4.62 -26.65 6.39
N GLN C 148 3.54 -26.73 5.60
CA GLN C 148 3.72 -26.88 4.15
C GLN C 148 3.06 -25.70 3.44
N TRP C 149 3.69 -25.26 2.37
CA TRP C 149 3.14 -24.16 1.60
C TRP C 149 2.49 -24.69 0.32
N LYS C 150 1.31 -24.13 0.05
CA LYS C 150 0.60 -24.47 -1.14
C LYS C 150 0.30 -23.21 -1.90
N VAL C 151 0.73 -23.17 -3.14
CA VAL C 151 0.44 -22.01 -4.00
C VAL C 151 -0.52 -22.52 -5.03
N ASP C 152 -1.81 -22.18 -4.86
CA ASP C 152 -2.88 -22.64 -5.75
C ASP C 152 -2.93 -24.19 -5.63
N ASN C 153 -2.84 -24.70 -4.39
CA ASN C 153 -2.91 -26.13 -4.13
C ASN C 153 -1.70 -26.92 -4.45
N ALA C 154 -0.75 -26.31 -5.12
CA ALA C 154 0.50 -27.02 -5.40
C ALA C 154 1.47 -26.83 -4.21
N LEU C 155 1.79 -27.96 -3.55
CA LEU C 155 2.73 -28.02 -2.43
C LEU C 155 4.04 -27.48 -2.93
N GLN C 156 4.52 -26.44 -2.25
CA GLN C 156 5.77 -25.78 -2.58
C GLN C 156 6.92 -26.59 -2.03
N SER C 157 8.11 -26.40 -2.56
CA SER C 157 9.20 -27.13 -1.97
C SER C 157 10.52 -26.52 -2.40
N GLY C 158 11.47 -26.56 -1.49
CA GLY C 158 12.79 -26.01 -1.78
C GLY C 158 12.83 -24.49 -1.78
N ASN C 159 11.69 -23.84 -1.51
CA ASN C 159 11.65 -22.38 -1.51
C ASN C 159 11.14 -21.76 -0.22
N SER C 160 11.28 -22.47 0.89
CA SER C 160 10.81 -21.94 2.15
C SER C 160 11.85 -22.18 3.24
N GLN C 161 11.84 -21.34 4.25
CA GLN C 161 12.76 -21.49 5.33
C GLN C 161 11.92 -21.16 6.50
N GLU C 162 12.31 -21.72 7.64
CA GLU C 162 11.61 -21.48 8.87
C GLU C 162 12.63 -21.38 10.02
N SER C 163 12.29 -20.74 11.15
CA SER C 163 13.20 -20.68 12.27
C SER C 163 12.26 -20.76 13.48
N VAL C 164 12.80 -21.32 14.57
CA VAL C 164 12.08 -21.58 15.80
C VAL C 164 12.73 -20.96 17.00
N THR C 165 11.88 -20.48 17.90
CA THR C 165 12.26 -19.83 19.17
C THR C 165 12.73 -20.84 20.20
N GLU C 166 13.43 -20.37 21.23
CA GLU C 166 13.82 -21.27 22.31
C GLU C 166 12.53 -21.55 23.05
N GLN C 167 12.54 -22.58 23.87
CA GLN C 167 11.37 -22.94 24.65
C GLN C 167 11.04 -21.79 25.57
N ASP C 168 9.77 -21.40 25.69
CA ASP C 168 9.46 -20.26 26.54
C ASP C 168 9.76 -20.53 28.01
N SER C 169 10.47 -19.59 28.67
CA SER C 169 10.84 -19.80 30.11
C SER C 169 9.67 -19.71 31.08
N LYS C 170 8.58 -19.13 30.60
CA LYS C 170 7.41 -19.03 31.44
C LYS C 170 6.37 -20.09 31.15
N ASP C 171 6.09 -20.37 29.89
CA ASP C 171 5.05 -21.33 29.64
C ASP C 171 5.50 -22.56 28.86
N SER C 172 6.81 -22.66 28.64
CA SER C 172 7.40 -23.81 27.95
C SER C 172 6.93 -24.10 26.55
N THR C 173 6.34 -23.12 25.87
CA THR C 173 5.89 -23.36 24.50
C THR C 173 6.91 -22.83 23.44
N TYR C 174 6.76 -23.24 22.21
CA TYR C 174 7.61 -22.79 21.17
C TYR C 174 6.73 -21.97 20.20
N SER C 175 7.36 -21.14 19.35
CA SER C 175 6.64 -20.44 18.29
C SER C 175 7.56 -20.64 17.11
N LEU C 176 7.01 -20.64 15.92
CA LEU C 176 7.86 -20.89 14.79
C LEU C 176 7.46 -19.95 13.70
N SER C 177 8.42 -19.61 12.86
CA SER C 177 8.18 -18.70 11.78
C SER C 177 8.61 -19.30 10.45
N SER C 178 7.71 -19.23 9.46
CA SER C 178 7.99 -19.83 8.18
C SER C 178 7.85 -18.86 7.06
N THR C 179 8.86 -18.82 6.20
CA THR C 179 8.85 -17.87 5.14
C THR C 179 8.95 -18.50 3.76
N LEU C 180 7.95 -18.25 2.91
CA LEU C 180 7.92 -18.72 1.53
C LEU C 180 8.35 -17.53 0.65
N THR C 181 9.35 -17.76 -0.18
CA THR C 181 9.91 -16.77 -1.04
C THR C 181 9.78 -17.02 -2.55
N LEU C 182 9.09 -16.12 -3.22
CA LEU C 182 9.00 -16.14 -4.69
C LEU C 182 9.45 -14.79 -5.27
N SER C 183 9.72 -14.78 -6.57
CA SER C 183 10.04 -13.54 -7.28
C SER C 183 8.66 -12.91 -7.50
N LYS C 184 8.63 -11.59 -7.62
CA LYS C 184 7.39 -10.87 -7.89
C LYS C 184 6.71 -11.52 -9.09
N ALA C 185 7.48 -11.82 -10.14
CA ALA C 185 6.91 -12.45 -11.34
C ALA C 185 6.02 -13.72 -11.05
N ASP C 186 6.55 -14.64 -10.23
CA ASP C 186 5.83 -15.85 -9.90
C ASP C 186 4.73 -15.56 -8.90
N TYR C 187 5.01 -14.64 -8.00
CA TYR C 187 4.01 -14.37 -7.02
C TYR C 187 2.75 -13.94 -7.72
N GLU C 188 2.92 -13.12 -8.74
CA GLU C 188 1.77 -12.59 -9.43
C GLU C 188 1.04 -13.64 -10.26
N LYS C 189 1.75 -14.67 -10.73
CA LYS C 189 1.04 -15.69 -11.49
C LYS C 189 0.12 -16.65 -10.73
N HIS C 190 -0.31 -16.32 -9.50
CA HIS C 190 -1.18 -17.23 -8.73
C HIS C 190 -2.14 -16.49 -7.80
N LYS C 191 -3.19 -17.15 -7.37
CA LYS C 191 -4.14 -16.45 -6.54
C LYS C 191 -4.17 -16.81 -5.06
N VAL C 192 -4.24 -18.10 -4.74
CA VAL C 192 -4.39 -18.58 -3.36
C VAL C 192 -3.10 -19.04 -2.73
N TYR C 193 -2.70 -18.38 -1.64
CA TYR C 193 -1.47 -18.79 -0.95
C TYR C 193 -1.90 -19.32 0.36
N ALA C 194 -1.35 -20.46 0.70
CA ALA C 194 -1.81 -21.04 1.94
C ALA C 194 -0.75 -21.73 2.74
N CYS C 195 -0.90 -21.55 4.01
CA CYS C 195 0.01 -22.06 4.97
C CYS C 195 -0.67 -23.27 5.57
N GLU C 196 -0.02 -24.43 5.55
CA GLU C 196 -0.66 -25.59 6.14
C GLU C 196 0.19 -26.25 7.24
N VAL C 197 -0.37 -26.16 8.44
CA VAL C 197 0.21 -26.61 9.68
C VAL C 197 -0.32 -27.89 10.28
N THR C 198 0.61 -28.79 10.52
CA THR C 198 0.24 -30.02 11.14
C THR C 198 1.06 -30.08 12.47
N HIS C 199 0.36 -30.42 13.56
CA HIS C 199 0.88 -30.49 14.92
C HIS C 199 -0.03 -31.37 15.77
N GLN C 200 0.59 -31.96 16.76
CA GLN C 200 -0.09 -32.85 17.70
C GLN C 200 -1.40 -32.33 18.28
N GLY C 201 -1.37 -31.07 18.72
CA GLY C 201 -2.51 -30.44 19.32
C GLY C 201 -3.63 -30.24 18.35
N LEU C 202 -3.41 -30.61 17.11
CA LEU C 202 -4.43 -30.45 16.08
C LEU C 202 -4.90 -31.83 15.56
N SER C 203 -6.22 -31.99 15.48
CA SER C 203 -6.82 -33.25 15.00
C SER C 203 -6.72 -33.50 13.52
N SER C 204 -6.42 -32.42 12.79
CA SER C 204 -6.26 -32.41 11.32
C SER C 204 -5.44 -31.14 10.96
N PRO C 205 -4.70 -31.12 9.86
CA PRO C 205 -4.00 -29.82 9.70
C PRO C 205 -4.85 -28.57 9.63
N VAL C 206 -4.24 -27.46 10.05
CA VAL C 206 -4.93 -26.20 9.95
C VAL C 206 -4.28 -25.45 8.81
N THR C 207 -5.10 -24.99 7.89
CA THR C 207 -4.61 -24.23 6.75
C THR C 207 -5.06 -22.72 6.90
N LYS C 208 -4.12 -21.76 6.90
CA LYS C 208 -4.54 -20.35 6.89
C LYS C 208 -4.17 -19.90 5.52
N SER C 209 -5.01 -19.09 4.89
CA SER C 209 -4.64 -18.64 3.56
C SER C 209 -5.27 -17.34 3.14
N PHE C 210 -4.86 -16.83 1.98
CA PHE C 210 -5.46 -15.63 1.41
C PHE C 210 -5.37 -15.72 -0.12
N ASN C 211 -6.16 -14.90 -0.80
CA ASN C 211 -6.17 -14.84 -2.28
C ASN C 211 -5.55 -13.52 -2.56
N ARG C 212 -4.51 -13.51 -3.40
CA ARG C 212 -3.78 -12.31 -3.76
C ARG C 212 -4.53 -11.02 -3.88
N GLY C 213 -3.87 -9.98 -3.37
CA GLY C 213 -4.40 -8.64 -3.37
C GLY C 213 -5.61 -8.64 -2.44
N GLU C 214 -6.67 -9.30 -2.92
CA GLU C 214 -7.95 -9.45 -2.25
C GLU C 214 -7.89 -9.66 -0.70
N CYS C 215 -6.97 -8.93 -0.06
CA CYS C 215 -6.67 -8.92 1.40
C CYS C 215 -7.31 -7.80 2.26
N GLU D 1 38.14 -15.78 39.29
CA GLU D 1 39.53 -16.25 38.99
C GLU D 1 40.04 -15.83 37.57
N VAL D 2 39.33 -16.09 36.49
CA VAL D 2 39.87 -15.73 35.20
C VAL D 2 38.87 -15.09 34.23
N GLN D 3 39.28 -13.98 33.60
CA GLN D 3 38.48 -13.27 32.61
C GLN D 3 39.21 -13.38 31.25
N LEU D 4 38.47 -13.74 30.21
CA LEU D 4 39.11 -13.90 28.92
C LEU D 4 38.42 -13.01 27.94
N GLN D 5 39.06 -11.92 27.53
CA GLN D 5 38.42 -11.01 26.60
C GLN D 5 38.81 -11.45 25.20
N GLN D 6 37.91 -11.39 24.23
CA GLN D 6 38.23 -11.82 22.86
C GLN D 6 37.81 -10.74 21.89
N TRP D 7 38.55 -10.56 20.80
CA TRP D 7 38.09 -9.61 19.82
C TRP D 7 38.61 -10.11 18.53
N GLY D 8 38.09 -9.48 17.46
CA GLY D 8 38.45 -9.82 16.09
C GLY D 8 37.33 -9.52 15.11
N ALA D 9 37.73 -9.26 13.86
CA ALA D 9 36.78 -8.95 12.80
C ALA D 9 35.73 -10.05 12.71
N GLY D 10 34.47 -9.67 12.81
CA GLY D 10 33.39 -10.65 12.71
C GLY D 10 32.81 -10.94 11.32
N LEU D 11 33.21 -10.20 10.27
CA LEU D 11 32.70 -10.45 8.90
C LEU D 11 33.92 -10.60 7.96
N LEU D 12 33.87 -11.53 7.03
CA LEU D 12 34.97 -11.86 6.12
C LEU D 12 34.34 -12.44 4.86
N LYS D 13 35.10 -12.40 3.77
CA LYS D 13 34.67 -12.96 2.48
C LYS D 13 35.51 -14.21 2.23
N PRO D 14 34.95 -15.18 1.51
CA PRO D 14 35.63 -16.42 1.20
C PRO D 14 37.09 -16.16 0.72
N SER D 15 38.05 -16.91 1.26
CA SER D 15 39.49 -16.81 0.94
C SER D 15 40.26 -15.82 1.79
N GLU D 16 39.54 -15.01 2.54
CA GLU D 16 40.19 -14.07 3.41
C GLU D 16 40.70 -14.82 4.63
N THR D 17 41.51 -14.21 5.48
CA THR D 17 41.91 -14.99 6.63
C THR D 17 41.33 -14.45 7.94
N LEU D 18 40.76 -15.36 8.72
CA LEU D 18 40.12 -15.03 9.99
C LEU D 18 41.20 -14.71 11.01
N SER D 19 40.92 -13.72 11.85
CA SER D 19 41.91 -13.32 12.86
C SER D 19 41.30 -12.94 14.23
N LEU D 20 41.62 -13.68 15.31
CA LEU D 20 41.07 -13.33 16.62
C LEU D 20 42.14 -13.27 17.63
N THR D 21 41.86 -12.50 18.68
CA THR D 21 42.78 -12.38 19.81
C THR D 21 41.95 -12.53 21.11
N CYS D 22 42.57 -13.15 22.08
CA CYS D 22 41.93 -13.35 23.39
C CYS D 22 42.95 -12.77 24.44
N ALA D 23 42.46 -12.07 25.47
CA ALA D 23 43.35 -11.51 26.48
C ALA D 23 42.89 -11.99 27.79
N VAL D 24 43.89 -12.40 28.55
CA VAL D 24 43.71 -13.01 29.84
C VAL D 24 43.94 -12.05 30.98
N TYR D 25 43.08 -12.13 31.97
CA TYR D 25 43.21 -11.30 33.12
C TYR D 25 42.80 -12.18 34.26
N GLY D 26 43.77 -12.57 35.05
CA GLY D 26 43.51 -13.36 36.24
C GLY D 26 44.31 -14.62 36.24
N GLY D 27 44.95 -14.98 37.38
CA GLY D 27 45.75 -16.18 37.48
C GLY D 27 47.03 -16.09 36.63
N SER D 28 47.67 -17.23 36.35
CA SER D 28 48.89 -17.16 35.56
C SER D 28 48.75 -17.56 34.12
N PHE D 29 49.68 -17.09 33.29
CA PHE D 29 49.63 -17.31 31.87
C PHE D 29 50.41 -18.47 31.32
N SER D 30 51.41 -18.90 32.08
CA SER D 30 52.35 -19.89 31.65
C SER D 30 51.90 -21.24 31.96
N ASP D 31 52.47 -22.17 31.20
CA ASP D 31 52.27 -23.62 31.31
C ASP D 31 50.94 -24.21 30.81
N TYR D 32 49.82 -23.49 30.96
CA TYR D 32 48.52 -23.98 30.48
C TYR D 32 48.53 -23.96 28.96
N TYR D 33 47.84 -24.89 28.34
CA TYR D 33 47.67 -24.83 26.92
C TYR D 33 46.35 -24.07 26.74
N TRP D 34 46.43 -22.94 26.03
CA TRP D 34 45.26 -22.10 25.77
C TRP D 34 44.64 -22.61 24.48
N SER D 35 43.33 -22.80 24.49
CA SER D 35 42.63 -23.29 23.31
C SER D 35 41.74 -22.29 22.64
N TRP D 36 41.47 -22.65 21.40
CA TRP D 36 40.50 -21.97 20.57
C TRP D 36 39.47 -23.10 20.19
N ILE D 37 38.18 -22.85 20.38
CA ILE D 37 37.12 -23.84 20.11
C ILE D 37 36.02 -23.12 19.30
N ARG D 38 35.29 -23.84 18.46
CA ARG D 38 34.27 -23.07 17.75
C ARG D 38 32.91 -23.77 17.65
N GLN D 39 31.88 -23.03 17.27
CA GLN D 39 30.58 -23.60 17.24
C GLN D 39 29.69 -22.91 16.26
N PRO D 40 29.52 -23.56 15.12
CA PRO D 40 28.68 -23.04 14.02
C PRO D 40 27.28 -22.92 14.58
N PRO D 41 26.53 -21.98 14.06
CA PRO D 41 25.16 -21.83 14.59
C PRO D 41 24.35 -23.13 14.46
N GLY D 42 23.65 -23.42 15.55
CA GLY D 42 22.81 -24.59 15.62
C GLY D 42 23.60 -25.86 15.57
N LYS D 43 24.92 -25.80 15.70
CA LYS D 43 25.67 -27.05 15.64
C LYS D 43 26.46 -27.26 16.92
N GLY D 44 27.24 -28.31 16.97
CA GLY D 44 28.03 -28.54 18.16
C GLY D 44 29.40 -27.89 18.18
N LEU D 45 30.19 -28.23 19.19
CA LEU D 45 31.50 -27.63 19.32
C LEU D 45 32.60 -28.43 18.65
N GLU D 46 33.61 -27.73 18.17
CA GLU D 46 34.80 -28.34 17.56
C GLU D 46 36.09 -27.70 18.11
N TRP D 47 36.98 -28.49 18.69
CA TRP D 47 38.22 -27.90 19.18
C TRP D 47 39.15 -27.64 17.95
N ILE D 48 39.74 -26.45 17.93
CA ILE D 48 40.61 -25.99 16.87
C ILE D 48 42.11 -26.25 17.17
N GLY D 49 42.63 -25.77 18.31
CA GLY D 49 44.02 -26.00 18.72
C GLY D 49 44.33 -25.31 20.06
N GLU D 50 45.53 -25.48 20.58
CA GLU D 50 45.94 -24.86 21.80
C GLU D 50 47.43 -24.51 21.66
N ILE D 51 47.89 -23.60 22.51
CA ILE D 51 49.26 -23.18 22.54
C ILE D 51 49.67 -22.85 23.98
N ASN D 52 50.96 -22.99 24.32
CA ASN D 52 51.41 -22.63 25.65
C ASN D 52 52.42 -21.51 25.53
N HIS D 53 52.81 -20.90 26.65
CA HIS D 53 53.69 -19.74 26.61
C HIS D 53 54.98 -19.99 25.85
N SER D 54 55.34 -21.26 25.70
CA SER D 54 56.56 -21.60 24.97
C SER D 54 56.34 -21.57 23.48
N GLY D 55 55.14 -21.22 23.03
CA GLY D 55 54.90 -21.26 21.59
C GLY D 55 54.62 -22.70 21.11
N SER D 56 54.71 -23.70 21.99
CA SER D 56 54.41 -25.08 21.57
C SER D 56 52.87 -25.33 21.32
N THR D 57 52.54 -25.75 20.11
CA THR D 57 51.18 -25.92 19.65
C THR D 57 50.70 -27.31 19.34
N ASN D 58 49.39 -27.51 19.42
CA ASN D 58 48.74 -28.77 19.02
C ASN D 58 47.48 -28.39 18.29
N TYR D 59 47.34 -28.84 17.06
CA TYR D 59 46.18 -28.48 16.26
C TYR D 59 45.33 -29.60 15.89
N ASN D 60 44.06 -29.32 15.63
CA ASN D 60 43.10 -30.34 15.21
C ASN D 60 43.38 -30.51 13.74
N PRO D 61 43.73 -31.73 13.30
CA PRO D 61 44.00 -31.96 11.86
C PRO D 61 42.89 -31.54 10.89
N SER D 62 41.64 -31.44 11.36
CA SER D 62 40.45 -31.06 10.57
C SER D 62 40.60 -29.67 9.94
N LEU D 63 41.72 -29.03 10.26
CA LEU D 63 42.15 -27.74 9.75
C LEU D 63 43.67 -27.99 9.52
N LYS D 64 44.42 -27.75 10.61
CA LYS D 64 45.90 -27.83 10.78
C LYS D 64 46.70 -27.07 9.71
N SER D 65 46.31 -27.34 8.47
CA SER D 65 46.86 -26.72 7.30
C SER D 65 46.56 -25.20 7.29
N ARG D 66 45.32 -24.85 7.63
CA ARG D 66 44.89 -23.49 7.56
C ARG D 66 45.04 -22.65 8.83
N VAL D 67 45.32 -23.32 9.93
CA VAL D 67 45.42 -22.69 11.23
C VAL D 67 46.75 -22.33 11.80
N THR D 68 46.80 -21.17 12.39
CA THR D 68 48.03 -20.73 13.03
C THR D 68 47.64 -20.11 14.37
N ILE D 69 48.13 -20.66 15.45
CA ILE D 69 47.83 -20.04 16.74
C ILE D 69 49.16 -19.47 17.22
N SER D 70 49.14 -18.23 17.72
CA SER D 70 50.35 -17.59 18.25
C SER D 70 50.09 -17.04 19.66
N VAL D 71 51.18 -16.74 20.36
CA VAL D 71 51.13 -16.24 21.69
C VAL D 71 52.03 -15.03 21.97
N ASP D 72 51.56 -14.10 22.80
CA ASP D 72 52.38 -12.93 23.19
C ASP D 72 52.39 -12.90 24.72
N THR D 73 53.45 -13.47 25.30
CA THR D 73 53.59 -13.57 26.74
C THR D 73 53.84 -12.22 27.42
N SER D 74 54.22 -11.23 26.62
CA SER D 74 54.50 -9.92 27.20
C SER D 74 53.17 -9.21 27.44
N LYS D 75 52.12 -9.70 26.80
CA LYS D 75 50.80 -9.09 27.02
C LYS D 75 49.74 -10.05 27.58
N ASN D 76 50.11 -11.30 27.87
CA ASN D 76 49.16 -12.32 28.31
C ASN D 76 48.00 -12.45 27.29
N GLN D 77 48.33 -12.67 26.02
CA GLN D 77 47.30 -12.78 24.97
C GLN D 77 47.76 -13.90 24.04
N PHE D 78 46.84 -14.51 23.34
CA PHE D 78 47.21 -15.55 22.35
C PHE D 78 46.25 -15.26 21.20
N SER D 79 46.56 -15.76 20.01
CA SER D 79 45.76 -15.42 18.89
C SER D 79 45.48 -16.56 17.95
N LEU D 80 44.47 -16.36 17.10
CA LEU D 80 44.11 -17.35 16.10
C LEU D 80 44.02 -16.72 14.69
N LYS D 81 44.62 -17.43 13.73
CA LYS D 81 44.52 -17.05 12.34
C LYS D 81 44.11 -18.32 11.62
N LEU D 82 42.99 -18.22 10.87
CA LEU D 82 42.47 -19.32 10.01
C LEU D 82 42.47 -18.75 8.57
N SER D 83 43.23 -19.34 7.64
CA SER D 83 43.24 -18.81 6.25
C SER D 83 42.29 -19.54 5.30
N SER D 84 42.06 -18.96 4.13
CA SER D 84 41.22 -19.56 3.10
C SER D 84 39.88 -20.00 3.63
N VAL D 85 39.27 -19.04 4.27
CA VAL D 85 38.02 -19.18 4.94
C VAL D 85 36.91 -19.50 3.90
N THR D 86 35.93 -20.28 4.31
CA THR D 86 34.78 -20.49 3.45
C THR D 86 33.59 -20.39 4.41
N ALA D 87 32.40 -20.60 3.89
CA ALA D 87 31.22 -20.49 4.72
C ALA D 87 31.20 -21.54 5.84
N ALA D 88 32.00 -22.58 5.66
CA ALA D 88 32.08 -23.62 6.64
C ALA D 88 32.73 -23.08 7.90
N ASP D 89 33.44 -21.96 7.82
CA ASP D 89 34.08 -21.47 9.02
C ASP D 89 33.20 -20.53 9.81
N THR D 90 32.04 -20.18 9.29
CA THR D 90 31.14 -19.35 10.05
C THR D 90 30.86 -19.96 11.44
N ALA D 91 31.16 -19.28 12.53
CA ALA D 91 30.89 -19.86 13.82
C ALA D 91 31.17 -18.87 14.94
N VAL D 92 30.80 -19.25 16.15
CA VAL D 92 31.10 -18.45 17.32
C VAL D 92 32.34 -19.11 17.79
N TYR D 93 33.43 -18.36 17.83
CA TYR D 93 34.73 -18.80 18.35
C TYR D 93 34.99 -18.39 19.81
N TYR D 94 35.50 -19.33 20.59
CA TYR D 94 35.78 -19.12 22.00
C TYR D 94 37.19 -19.40 22.33
N CYS D 95 37.77 -18.68 23.29
CA CYS D 95 39.07 -19.09 23.73
C CYS D 95 38.73 -19.66 25.10
N ALA D 96 39.50 -20.67 25.55
CA ALA D 96 39.29 -21.33 26.82
C ALA D 96 40.61 -21.82 27.39
N ARG D 97 40.59 -22.13 28.66
CA ARG D 97 41.72 -22.62 29.38
C ARG D 97 41.35 -23.80 30.37
N PRO D 98 42.22 -24.84 30.44
CA PRO D 98 41.97 -25.97 31.39
C PRO D 98 42.17 -25.42 32.82
N PRO D 99 41.70 -26.12 33.83
CA PRO D 99 41.80 -25.75 35.27
C PRO D 99 43.31 -25.69 35.79
N HIS D 100 44.09 -26.74 35.45
CA HIS D 100 45.49 -26.94 35.87
C HIS D 100 46.44 -27.15 34.68
N ASP D 101 47.75 -26.96 34.83
CA ASP D 101 48.66 -27.22 33.71
C ASP D 101 49.02 -28.70 33.73
N THR D 102 48.49 -29.39 34.70
CA THR D 102 48.75 -30.83 34.86
C THR D 102 47.57 -31.54 34.20
N SER D 103 46.36 -31.37 34.79
CA SER D 103 45.08 -31.91 34.33
C SER D 103 44.89 -32.26 32.82
N GLY D 104 43.76 -32.91 32.57
CA GLY D 104 43.40 -33.28 31.22
C GLY D 104 43.00 -31.96 30.55
N HIS D 105 42.80 -32.01 29.24
CA HIS D 105 42.42 -30.79 28.56
C HIS D 105 40.94 -30.61 28.39
N TYR D 106 40.27 -30.28 29.47
CA TYR D 106 38.84 -29.95 29.44
C TYR D 106 38.92 -28.52 30.00
N TRP D 107 37.88 -27.73 29.76
CA TRP D 107 37.93 -26.32 30.11
C TRP D 107 37.00 -25.75 31.14
N ASN D 108 37.50 -25.06 32.17
CA ASN D 108 36.52 -24.48 33.09
C ASN D 108 36.50 -22.98 32.91
N TYR D 109 37.37 -22.44 32.09
CA TYR D 109 37.39 -20.99 31.86
C TYR D 109 37.21 -20.71 30.38
N TRP D 110 36.27 -19.83 30.06
CA TRP D 110 35.91 -19.55 28.67
C TRP D 110 35.68 -18.09 28.45
N GLY D 111 35.90 -17.71 27.19
CA GLY D 111 35.59 -16.36 26.78
C GLY D 111 34.11 -16.39 26.42
N GLN D 112 33.58 -15.22 26.15
CA GLN D 112 32.17 -15.08 25.84
C GLN D 112 31.84 -15.56 24.44
N GLY D 113 32.84 -15.65 23.58
CA GLY D 113 32.66 -16.07 22.20
C GLY D 113 32.51 -14.95 21.14
N THR D 114 33.17 -15.09 20.00
CA THR D 114 33.04 -14.09 18.94
C THR D 114 32.36 -14.68 17.70
N LEU D 115 31.25 -14.12 17.27
CA LEU D 115 30.65 -14.60 16.06
C LEU D 115 31.49 -14.10 14.85
N VAL D 116 31.89 -15.03 14.01
CA VAL D 116 32.63 -14.70 12.81
C VAL D 116 31.86 -15.37 11.65
N THR D 117 31.38 -14.52 10.74
CA THR D 117 30.59 -14.95 9.62
C THR D 117 31.40 -14.83 8.34
N VAL D 118 31.29 -15.82 7.47
CA VAL D 118 31.99 -15.84 6.21
C VAL D 118 30.97 -15.77 5.10
N SER D 119 30.89 -14.65 4.42
CA SER D 119 29.92 -14.53 3.33
C SER D 119 30.52 -13.77 2.16
N SER D 120 30.06 -14.08 0.97
CA SER D 120 30.56 -13.39 -0.20
C SER D 120 29.74 -12.11 -0.36
N GLY D 121 28.75 -11.90 0.51
CA GLY D 121 27.98 -10.68 0.42
C GLY D 121 28.81 -9.56 1.05
N SER D 122 28.35 -8.32 1.00
CA SER D 122 29.09 -7.22 1.60
C SER D 122 28.09 -6.72 2.64
N ALA D 123 28.59 -6.19 3.76
CA ALA D 123 27.77 -5.72 4.87
C ALA D 123 26.60 -4.84 4.49
N SER D 124 25.51 -4.98 5.20
CA SER D 124 24.38 -4.13 4.87
C SER D 124 23.35 -4.12 5.95
N ALA D 125 22.84 -2.92 6.14
CA ALA D 125 21.81 -2.66 7.12
C ALA D 125 20.55 -3.32 6.60
N PRO D 126 19.60 -3.62 7.50
CA PRO D 126 18.37 -4.24 7.09
C PRO D 126 17.35 -3.32 6.38
N THR D 127 16.53 -3.92 5.52
CA THR D 127 15.42 -3.23 4.88
C THR D 127 14.18 -3.83 5.61
N LEU D 128 13.35 -2.96 6.18
CA LEU D 128 12.16 -3.41 6.89
C LEU D 128 10.83 -3.39 6.13
N PHE D 129 10.03 -4.41 6.40
CA PHE D 129 8.70 -4.58 5.81
C PHE D 129 7.66 -4.93 6.85
N PRO D 130 6.52 -4.19 6.82
CA PRO D 130 5.43 -4.44 7.77
C PRO D 130 4.75 -5.78 7.41
N LEU D 131 4.38 -6.57 8.42
CA LEU D 131 3.64 -7.83 8.28
C LEU D 131 2.19 -7.54 8.75
N VAL D 132 1.27 -7.39 7.80
CA VAL D 132 -0.12 -7.12 8.16
C VAL D 132 -1.03 -8.27 7.74
N SER D 133 -1.78 -8.81 8.71
CA SER D 133 -2.71 -9.95 8.51
C SER D 133 -3.68 -9.95 7.33
N CYS D 134 -4.10 -8.77 6.90
CA CYS D 134 -5.05 -8.70 5.80
C CYS D 134 -6.43 -9.36 6.08
N SER D 143 -7.33 -11.60 19.80
CA SER D 143 -5.87 -11.20 19.75
C SER D 143 -5.30 -11.17 18.31
N VAL D 144 -4.70 -10.05 17.92
CA VAL D 144 -4.14 -9.87 16.59
C VAL D 144 -2.62 -9.85 16.54
N ALA D 145 -2.06 -10.52 15.53
CA ALA D 145 -0.60 -10.59 15.38
C ALA D 145 -0.17 -9.56 14.33
N VAL D 146 0.83 -8.77 14.72
CA VAL D 146 1.39 -7.69 13.93
C VAL D 146 2.87 -7.98 13.85
N GLY D 147 3.42 -7.90 12.65
CA GLY D 147 4.81 -8.26 12.59
C GLY D 147 5.68 -7.37 11.79
N CYS D 148 6.97 -7.66 11.87
CA CYS D 148 7.99 -6.91 11.16
C CYS D 148 9.02 -7.84 10.55
N LEU D 149 9.42 -7.60 9.30
CA LEU D 149 10.43 -8.46 8.58
C LEU D 149 11.72 -7.69 8.29
N ALA D 150 12.86 -8.12 8.83
CA ALA D 150 14.12 -7.44 8.58
C ALA D 150 14.75 -8.26 7.47
N GLN D 151 14.97 -7.64 6.33
CA GLN D 151 15.47 -8.34 5.15
C GLN D 151 16.82 -7.94 4.69
N ASP D 152 17.51 -8.84 4.01
CA ASP D 152 18.81 -8.51 3.43
C ASP D 152 19.92 -7.79 4.28
N PHE D 153 20.14 -8.23 5.53
CA PHE D 153 21.19 -7.65 6.38
C PHE D 153 22.38 -8.58 6.58
N LEU D 154 23.51 -8.01 6.93
CA LEU D 154 24.77 -8.70 7.11
C LEU D 154 25.73 -7.70 7.80
N PRO D 155 26.41 -8.15 8.87
CA PRO D 155 26.40 -9.48 9.53
C PRO D 155 25.06 -9.79 10.31
N ASP D 156 24.93 -11.02 10.82
CA ASP D 156 23.79 -11.43 11.59
C ASP D 156 23.81 -10.92 13.04
N SER D 157 23.46 -9.68 13.27
CA SER D 157 23.30 -9.18 14.60
C SER D 157 22.17 -8.21 14.49
N ILE D 158 20.99 -8.60 14.93
CA ILE D 158 19.89 -7.68 14.80
C ILE D 158 19.19 -7.74 16.13
N THR D 159 18.44 -6.70 16.43
CA THR D 159 17.73 -6.50 17.69
C THR D 159 16.43 -5.75 17.36
N PHE D 160 15.31 -6.28 17.86
CA PHE D 160 14.02 -5.69 17.60
C PHE D 160 13.40 -5.06 18.84
N SER D 161 12.58 -4.03 18.65
CA SER D 161 11.84 -3.50 19.78
C SER D 161 10.68 -2.78 19.14
N TRP D 162 9.58 -2.66 19.86
CA TRP D 162 8.36 -2.10 19.32
C TRP D 162 7.71 -1.03 20.17
N LYS D 163 7.23 -0.02 19.46
CA LYS D 163 6.54 1.06 20.12
C LYS D 163 5.16 1.46 19.57
N TYR D 164 4.24 1.80 20.47
CA TYR D 164 2.96 2.32 20.03
C TYR D 164 3.16 3.76 19.50
N LYS D 165 2.07 4.28 18.91
CA LYS D 165 1.99 5.65 18.38
C LYS D 165 2.39 6.59 19.51
N ASN D 166 1.89 6.30 20.71
CA ASN D 166 2.18 7.08 21.92
C ASN D 166 3.48 6.66 22.56
N ASN D 167 4.49 6.30 21.77
CA ASN D 167 5.77 5.90 22.30
C ASN D 167 5.94 5.02 23.53
N SER D 168 4.88 4.44 24.05
CA SER D 168 5.15 3.54 25.14
C SER D 168 5.67 2.25 24.42
N ASP D 169 6.46 1.45 25.13
CA ASP D 169 6.98 0.22 24.55
C ASP D 169 5.94 -0.89 24.48
N ILE D 170 5.98 -1.67 23.40
CA ILE D 170 5.08 -2.78 23.31
C ILE D 170 6.03 -3.90 23.74
N SER D 171 5.66 -4.62 24.77
CA SER D 171 6.49 -5.71 25.23
C SER D 171 5.62 -6.85 24.89
N SER D 172 5.92 -7.62 23.85
CA SER D 172 5.01 -8.77 23.53
C SER D 172 5.70 -9.72 22.53
N THR D 173 7.00 -9.86 22.71
CA THR D 173 7.76 -10.58 21.73
C THR D 173 8.36 -11.87 22.16
N ARG D 174 9.21 -12.37 21.28
CA ARG D 174 10.01 -13.57 21.48
C ARG D 174 10.66 -13.69 20.10
N GLY D 175 11.94 -13.34 20.01
CA GLY D 175 12.59 -13.32 18.73
C GLY D 175 12.82 -14.62 18.04
N PHE D 176 12.78 -14.55 16.73
CA PHE D 176 13.06 -15.71 15.93
C PHE D 176 14.49 -15.67 15.42
N PRO D 177 15.16 -16.78 15.43
CA PRO D 177 16.52 -16.70 14.91
C PRO D 177 16.55 -16.18 13.44
N SER D 178 17.67 -15.57 13.04
CA SER D 178 17.84 -15.12 11.67
C SER D 178 17.94 -16.37 10.78
N VAL D 179 17.72 -16.16 9.50
CA VAL D 179 17.72 -17.23 8.53
C VAL D 179 18.67 -16.79 7.38
N LEU D 180 19.57 -17.68 6.99
CA LEU D 180 20.53 -17.33 5.99
C LEU D 180 20.00 -17.69 4.65
N ARG D 181 20.14 -16.79 3.70
CA ARG D 181 19.72 -17.02 2.33
C ARG D 181 20.51 -16.17 1.41
N GLY D 182 21.21 -16.85 0.52
CA GLY D 182 22.04 -16.13 -0.42
C GLY D 182 23.05 -15.18 0.20
N GLY D 183 23.81 -15.63 1.21
CA GLY D 183 24.82 -14.79 1.87
C GLY D 183 24.36 -13.66 2.80
N LYS D 184 23.05 -13.42 2.88
CA LYS D 184 22.55 -12.35 3.73
C LYS D 184 21.47 -12.91 4.66
N TYR D 185 21.17 -12.22 5.76
CA TYR D 185 20.18 -12.77 6.62
C TYR D 185 18.83 -12.07 6.64
N ALA D 186 17.84 -12.74 7.21
CA ALA D 186 16.50 -12.17 7.33
C ALA D 186 15.95 -12.66 8.65
N ALA D 187 15.09 -11.87 9.27
CA ALA D 187 14.54 -12.21 10.59
C ALA D 187 13.17 -11.62 10.83
N THR D 188 12.34 -12.33 11.59
CA THR D 188 11.06 -11.71 11.82
C THR D 188 10.79 -11.50 13.30
N SER D 189 9.90 -10.55 13.57
CA SER D 189 9.50 -10.17 14.92
C SER D 189 8.01 -9.93 14.90
N GLN D 190 7.29 -10.31 15.95
CA GLN D 190 5.90 -10.03 15.90
C GLN D 190 5.48 -9.63 17.29
N VAL D 191 4.35 -8.90 17.37
CA VAL D 191 3.77 -8.53 18.64
C VAL D 191 2.31 -8.96 18.58
N LEU D 192 1.71 -9.22 19.76
CA LEU D 192 0.31 -9.62 19.85
C LEU D 192 -0.52 -8.54 20.51
N LEU D 193 -1.50 -8.02 19.80
CA LEU D 193 -2.30 -6.96 20.39
C LEU D 193 -3.71 -7.45 20.74
N PRO D 194 -4.23 -7.06 21.92
CA PRO D 194 -5.58 -7.60 22.10
C PRO D 194 -6.49 -7.12 20.97
N SER D 195 -7.32 -8.05 20.47
CA SER D 195 -8.27 -7.81 19.39
C SER D 195 -9.18 -6.67 19.74
N LYS D 196 -9.56 -6.63 21.02
CA LYS D 196 -10.42 -5.60 21.59
C LYS D 196 -9.99 -4.19 21.19
N ASP D 197 -8.73 -3.86 21.51
CA ASP D 197 -8.08 -2.58 21.25
C ASP D 197 -7.75 -2.21 19.82
N VAL D 198 -7.32 -3.12 18.95
CA VAL D 198 -7.02 -2.70 17.58
C VAL D 198 -8.20 -2.01 16.95
N MET D 199 -9.40 -2.51 17.28
CA MET D 199 -10.66 -1.98 16.77
C MET D 199 -11.46 -1.06 17.73
N ALA D 200 -10.78 -0.45 18.69
CA ALA D 200 -11.42 0.45 19.67
C ALA D 200 -10.26 1.26 20.18
N GLY D 201 -9.55 1.80 19.20
CA GLY D 201 -8.39 2.61 19.48
C GLY D 201 -8.37 3.67 18.42
N THR D 202 -7.82 4.81 18.78
CA THR D 202 -7.67 5.94 17.89
C THR D 202 -6.26 5.69 17.28
N ASP D 203 -5.99 4.43 16.92
CA ASP D 203 -4.69 4.05 16.40
C ASP D 203 -4.63 3.28 15.11
N GLU D 204 -3.93 3.86 14.14
CA GLU D 204 -3.78 3.25 12.83
C GLU D 204 -2.45 2.47 12.58
N HIS D 205 -1.54 2.48 13.56
CA HIS D 205 -0.27 1.76 13.45
C HIS D 205 0.55 1.58 14.72
N VAL D 206 1.71 1.00 14.47
CA VAL D 206 2.62 0.66 15.52
C VAL D 206 4.03 0.77 14.90
N VAL D 207 5.07 0.83 15.73
CA VAL D 207 6.44 0.96 15.23
C VAL D 207 7.36 -0.20 15.58
N CYS D 208 7.96 -0.74 14.52
CA CYS D 208 8.92 -1.80 14.68
C CYS D 208 10.30 -1.12 14.54
N LYS D 209 11.23 -1.43 15.43
CA LYS D 209 12.58 -0.83 15.35
C LYS D 209 13.70 -1.94 15.39
N VAL D 210 14.70 -1.88 14.52
CA VAL D 210 15.72 -2.89 14.53
C VAL D 210 17.01 -2.14 14.66
N GLN D 211 17.96 -2.74 15.35
CA GLN D 211 19.25 -2.14 15.50
C GLN D 211 20.20 -3.04 14.73
N HIS D 212 21.14 -2.46 14.00
CA HIS D 212 22.11 -3.26 13.25
C HIS D 212 23.37 -2.40 13.11
N PRO D 213 24.55 -3.02 13.12
CA PRO D 213 25.82 -2.31 13.00
C PRO D 213 25.88 -1.40 11.79
N ASN D 214 25.18 -1.74 10.73
CA ASN D 214 25.22 -0.89 9.54
C ASN D 214 24.14 0.21 9.51
N GLY D 215 23.43 0.32 10.61
CA GLY D 215 22.39 1.32 10.78
C GLY D 215 21.10 0.82 11.42
N ASN D 216 20.60 1.58 12.39
CA ASN D 216 19.32 1.28 13.02
C ASN D 216 18.19 1.83 12.06
N LYS D 217 17.02 1.21 12.14
CA LYS D 217 15.96 1.54 11.23
C LYS D 217 14.62 1.37 11.88
N GLU D 218 13.59 1.88 11.25
CA GLU D 218 12.26 1.77 11.79
C GLU D 218 11.33 1.67 10.65
N LYS D 219 10.12 1.23 10.99
CA LYS D 219 9.01 1.11 10.04
C LYS D 219 7.72 1.09 10.80
N ASN D 220 6.76 1.79 10.22
CA ASN D 220 5.40 1.86 10.74
C ASN D 220 4.64 0.59 10.28
N VAL D 221 4.00 -0.06 11.24
CA VAL D 221 3.29 -1.26 10.90
C VAL D 221 1.85 -0.97 11.18
N PRO D 222 1.08 -0.85 10.11
CA PRO D 222 -0.34 -0.54 10.19
C PRO D 222 -1.11 -1.60 10.97
N LEU D 223 -2.09 -1.21 11.77
CA LEU D 223 -2.87 -2.23 12.46
C LEU D 223 -3.94 -2.79 11.48
N PRO D 224 -4.26 -4.11 11.54
CA PRO D 224 -5.25 -4.78 10.67
C PRO D 224 -6.69 -4.29 10.98
N VAL D 225 -6.76 -3.58 12.11
CA VAL D 225 -7.95 -2.90 12.71
C VAL D 225 -9.36 -3.57 12.95
#